data_3LII
#
_entry.id   3LII
#
_cell.length_a   210.900
_cell.length_b   210.900
_cell.length_c   115.270
_cell.angle_alpha   90.00
_cell.angle_beta   90.00
_cell.angle_gamma   120.00
#
_symmetry.space_group_name_H-M   'P 61'
#
loop_
_entity.id
_entity.type
_entity.pdbx_description
1 polymer Acetylcholinesterase
2 branched 2-acetamido-2-deoxy-beta-D-glucopyranose-(1-4)-2-acetamido-2-deoxy-beta-D-glucopyranose
3 non-polymer 'SULFATE ION'
4 water water
#
_entity_poly.entity_id   1
_entity_poly.type   'polypeptide(L)'
_entity_poly.pdbx_seq_one_letter_code
;EDAELLVTVRGGRLRGIRLKTPGGPVSAFLGIPFAEPPMGPRRFLPPEPKQPWSGVVDATTFQSVCYQYVDTLYPGFEGT
EMWNPNRELSEDCLYLNVWTPYPRPTSPTPVLVWIYGGGFYSGASSLDVYDGRFLVQAERTVLVSMNYRVGAFGFLALPG
SREAPGNVGLLDQRLALQWVQENVAAFGGDPTSVTLFGESAGAASVGMHLLSPPSRGLFHRAVLQSGAPNGPWATVGMGE
ARRRATQLAHLVGCPPGGTGGNDTELVACLRTRPAQVLVNHEWHVLPQESVFRFSFVPVVDGDFLSDTPEALINAGDFHG
LQVLVGVVKDEGSYFLVYGAPGFSKDNESLISRAEFLAGVRVGVPQVSDLAAEAVVLHYTDWLHPEDPARLREALSDVVG
DHNVVCPVAQLAGRLAAQGARVYAYVFEHRASTLSWPLWMGVPHGYEIEFIFGIPLDPSRNYTAEEKIFAQRLMRYWANF
ARTGDPNEPRDPKAPQWPPYTAGAQQYVSLDLRPLEVRRGLRAQACAFWNRFLPKLLSAT
;
_entity_poly.pdbx_strand_id   A,B
#
loop_
_chem_comp.id
_chem_comp.type
_chem_comp.name
_chem_comp.formula
NAG D-saccharide, beta linking 2-acetamido-2-deoxy-beta-D-glucopyranose 'C8 H15 N O6'
SO4 non-polymer 'SULFATE ION' 'O4 S -2'
#
# COMPACT_ATOMS: atom_id res chain seq x y z
N ASP A 2 -42.75 -47.31 -13.25
CA ASP A 2 -41.50 -46.96 -13.98
C ASP A 2 -40.24 -47.73 -13.52
N ALA A 3 -40.25 -48.23 -12.29
CA ALA A 3 -39.13 -49.12 -11.77
C ALA A 3 -37.66 -48.68 -12.08
N GLU A 4 -37.51 -47.49 -12.67
CA GLU A 4 -36.24 -46.76 -12.73
C GLU A 4 -36.19 -45.89 -11.48
N LEU A 5 -37.39 -45.65 -10.96
CA LEU A 5 -37.62 -44.73 -9.89
C LEU A 5 -37.68 -45.39 -8.51
N LEU A 6 -37.67 -46.73 -8.43
CA LEU A 6 -37.75 -47.42 -7.11
C LEU A 6 -36.30 -47.75 -6.83
N VAL A 7 -35.87 -47.69 -5.56
CA VAL A 7 -34.45 -47.93 -5.18
C VAL A 7 -34.35 -48.33 -3.75
N THR A 8 -33.45 -49.26 -3.47
CA THR A 8 -33.32 -49.67 -2.10
C THR A 8 -32.00 -49.29 -1.49
N VAL A 9 -32.13 -48.55 -0.42
CA VAL A 9 -31.02 -47.93 0.25
C VAL A 9 -30.90 -48.66 1.58
N ARG A 10 -29.76 -48.57 2.25
CA ARG A 10 -29.60 -49.26 3.52
C ARG A 10 -30.69 -49.08 4.58
N GLY A 11 -31.59 -48.12 4.41
CA GLY A 11 -32.60 -47.88 5.41
C GLY A 11 -33.93 -48.41 5.00
N GLY A 12 -34.12 -48.71 3.71
CA GLY A 12 -35.45 -49.03 3.22
C GLY A 12 -35.63 -48.60 1.78
N ARG A 13 -36.88 -48.42 1.37
CA ARG A 13 -37.21 -48.23 -0.05
C ARG A 13 -37.65 -46.77 -0.38
N LEU A 14 -37.34 -46.26 -1.59
CA LEU A 14 -37.62 -44.86 -1.97
C LEU A 14 -38.28 -44.76 -3.33
N ARG A 15 -39.38 -44.05 -3.48
CA ARG A 15 -39.92 -43.72 -4.81
C ARG A 15 -39.39 -42.38 -5.26
N GLY A 16 -38.78 -42.33 -6.44
CA GLY A 16 -38.27 -41.08 -7.00
C GLY A 16 -39.21 -40.38 -7.91
N ILE A 17 -38.69 -39.42 -8.64
CA ILE A 17 -39.48 -38.72 -9.62
C ILE A 17 -38.64 -38.48 -10.88
N ARG A 18 -39.32 -38.35 -12.04
CA ARG A 18 -38.69 -38.12 -13.38
C ARG A 18 -38.76 -36.63 -13.73
N LEU A 19 -37.63 -36.02 -14.14
CA LEU A 19 -37.60 -34.56 -14.43
C LEU A 19 -37.18 -34.29 -15.85
N LYS A 20 -37.94 -33.43 -16.53
CA LYS A 20 -37.63 -33.05 -17.91
C LYS A 20 -36.37 -32.17 -18.04
N THR A 21 -35.72 -32.25 -19.18
CA THR A 21 -34.60 -31.39 -19.55
C THR A 21 -34.82 -31.16 -21.01
N PRO A 22 -34.74 -29.91 -21.49
CA PRO A 22 -34.48 -29.75 -22.92
C PRO A 22 -33.65 -30.94 -23.57
N GLY A 23 -32.57 -31.38 -22.94
CA GLY A 23 -31.79 -32.42 -23.55
C GLY A 23 -31.86 -33.76 -22.88
N GLY A 24 -33.04 -34.19 -22.44
CA GLY A 24 -33.13 -35.52 -21.77
C GLY A 24 -34.08 -35.71 -20.60
N PRO A 25 -33.89 -36.81 -19.82
CA PRO A 25 -34.60 -36.82 -18.55
C PRO A 25 -33.63 -37.29 -17.43
N VAL A 26 -33.95 -36.92 -16.17
CA VAL A 26 -33.13 -37.32 -15.02
C VAL A 26 -34.03 -37.83 -13.94
N SER A 27 -33.51 -38.80 -13.18
CA SER A 27 -34.22 -39.41 -12.06
C SER A 27 -33.72 -38.78 -10.77
N ALA A 28 -34.69 -38.21 -10.04
CA ALA A 28 -34.46 -37.43 -8.85
C ALA A 28 -35.03 -38.11 -7.59
N PHE A 29 -34.25 -38.11 -6.52
CA PHE A 29 -34.64 -38.61 -5.21
C PHE A 29 -34.57 -37.58 -4.10
N LEU A 30 -35.68 -36.89 -3.92
CA LEU A 30 -35.71 -35.70 -3.15
C LEU A 30 -36.18 -35.91 -1.72
N GLY A 31 -35.33 -35.54 -0.79
CA GLY A 31 -35.75 -35.56 0.58
C GLY A 31 -35.69 -36.95 1.14
N ILE A 32 -34.62 -37.64 0.85
CA ILE A 32 -34.29 -38.81 1.64
C ILE A 32 -33.85 -38.41 3.06
N PRO A 33 -34.51 -38.97 4.09
CA PRO A 33 -34.11 -38.82 5.47
C PRO A 33 -32.75 -39.38 5.72
N PHE A 34 -31.85 -38.62 6.33
CA PHE A 34 -30.55 -39.16 6.66
C PHE A 34 -30.13 -39.10 8.13
N ALA A 35 -31.00 -38.54 8.97
CA ALA A 35 -30.80 -38.49 10.41
C ALA A 35 -32.17 -38.51 11.11
N GLU A 36 -32.19 -38.93 12.38
CA GLU A 36 -33.37 -38.84 13.22
C GLU A 36 -33.60 -37.35 13.49
N PRO A 37 -34.86 -36.92 13.50
CA PRO A 37 -35.15 -35.52 13.75
C PRO A 37 -34.43 -34.95 14.97
N PRO A 38 -33.71 -33.88 14.78
CA PRO A 38 -32.96 -33.24 15.83
C PRO A 38 -33.86 -32.32 16.62
N MET A 39 -34.85 -32.92 17.28
CA MET A 39 -35.93 -32.21 17.93
C MET A 39 -35.99 -32.51 19.42
N GLY A 40 -36.65 -31.62 20.15
CA GLY A 40 -36.82 -31.72 21.58
C GLY A 40 -35.49 -31.75 22.30
N PRO A 41 -35.18 -32.89 22.93
CA PRO A 41 -33.99 -33.04 23.71
C PRO A 41 -32.85 -33.14 22.78
N ARG A 42 -33.05 -32.97 21.49
CA ARG A 42 -31.93 -33.16 20.57
C ARG A 42 -31.50 -31.89 19.91
N ARG A 43 -32.33 -30.87 19.97
CA ARG A 43 -31.89 -29.57 19.60
C ARG A 43 -30.46 -29.34 20.16
N PHE A 44 -29.52 -28.82 19.37
CA PHE A 44 -28.11 -28.59 19.76
C PHE A 44 -27.14 -29.75 19.79
N LEU A 45 -27.65 -30.94 19.61
CA LEU A 45 -26.91 -32.17 19.82
C LEU A 45 -26.39 -32.66 18.50
N PRO A 46 -25.35 -33.52 18.47
CA PRO A 46 -24.98 -34.21 17.25
C PRO A 46 -26.16 -34.92 16.64
N PRO A 47 -26.07 -35.30 15.36
CA PRO A 47 -27.19 -35.89 14.62
C PRO A 47 -27.14 -37.38 14.79
N GLU A 48 -28.26 -38.09 14.78
CA GLU A 48 -28.19 -39.58 14.92
C GLU A 48 -28.69 -40.21 13.66
N PRO A 49 -27.98 -41.24 13.14
CA PRO A 49 -28.36 -41.80 11.84
C PRO A 49 -29.82 -42.20 11.77
N LYS A 50 -30.51 -41.83 10.69
CA LYS A 50 -31.94 -42.22 10.49
C LYS A 50 -31.95 -43.71 10.63
N GLN A 51 -32.92 -44.30 11.32
CA GLN A 51 -32.97 -45.78 11.50
C GLN A 51 -33.88 -46.28 10.44
N PRO A 52 -33.81 -47.58 10.16
CA PRO A 52 -34.54 -48.07 9.01
C PRO A 52 -36.05 -47.88 9.14
N TRP A 53 -36.72 -47.81 8.02
CA TRP A 53 -38.16 -47.68 8.01
C TRP A 53 -38.72 -48.75 7.10
N SER A 54 -39.96 -49.13 7.41
CA SER A 54 -40.73 -50.01 6.54
C SER A 54 -41.49 -49.14 5.51
N GLY A 55 -41.96 -49.76 4.44
CA GLY A 55 -42.72 -49.03 3.43
C GLY A 55 -41.75 -48.31 2.52
N VAL A 56 -42.31 -47.46 1.68
CA VAL A 56 -41.51 -46.69 0.75
C VAL A 56 -41.58 -45.20 1.10
N VAL A 57 -40.44 -44.57 1.39
CA VAL A 57 -40.44 -43.10 1.56
C VAL A 57 -40.61 -42.37 0.24
N ASP A 58 -41.72 -41.68 0.07
CA ASP A 58 -41.88 -40.77 -1.04
C ASP A 58 -40.69 -39.75 -1.14
N ALA A 59 -39.73 -40.01 -2.03
CA ALA A 59 -38.62 -39.08 -2.27
C ALA A 59 -38.92 -38.25 -3.50
N THR A 60 -40.17 -37.90 -3.69
CA THR A 60 -40.54 -37.24 -4.91
C THR A 60 -40.58 -35.71 -4.86
N THR A 61 -40.25 -35.15 -3.71
CA THR A 61 -40.30 -33.68 -3.57
C THR A 61 -39.41 -33.19 -2.45
N PHE A 62 -38.98 -31.94 -2.53
CA PHE A 62 -38.10 -31.37 -1.50
C PHE A 62 -38.71 -31.33 -0.09
N GLN A 63 -38.02 -31.92 0.91
CA GLN A 63 -38.41 -31.86 2.34
C GLN A 63 -38.23 -30.46 2.97
N SER A 64 -38.39 -30.33 4.28
CA SER A 64 -38.47 -28.97 4.89
C SER A 64 -37.13 -28.24 4.95
N VAL A 65 -37.19 -26.92 5.11
CA VAL A 65 -36.00 -26.09 5.26
C VAL A 65 -35.60 -25.95 6.74
N CYS A 66 -34.34 -26.13 7.14
CA CYS A 66 -34.06 -25.82 8.56
C CYS A 66 -34.42 -24.42 9.03
N TYR A 67 -34.73 -24.28 10.30
CA TYR A 67 -35.32 -23.04 10.75
C TYR A 67 -34.32 -21.93 10.64
N GLN A 68 -34.75 -20.82 10.09
CA GLN A 68 -33.78 -19.79 9.88
C GLN A 68 -34.35 -18.44 9.75
N TYR A 69 -33.53 -17.43 9.95
CA TYR A 69 -33.99 -16.07 9.78
C TYR A 69 -34.30 -15.76 8.32
N VAL A 70 -35.39 -15.05 8.05
CA VAL A 70 -35.72 -14.72 6.68
C VAL A 70 -35.56 -13.24 6.41
N ASP A 71 -34.54 -12.91 5.65
CA ASP A 71 -34.22 -11.57 5.15
C ASP A 71 -35.43 -10.84 4.59
N THR A 72 -35.75 -9.65 5.10
CA THR A 72 -36.93 -8.94 4.56
C THR A 72 -36.60 -7.55 4.15
N LEU A 73 -35.41 -7.39 3.59
CA LEU A 73 -34.91 -6.06 3.34
C LEU A 73 -35.55 -5.48 2.09
N TYR A 74 -35.59 -6.20 0.97
CA TYR A 74 -36.35 -5.70 -0.16
C TYR A 74 -37.44 -6.72 -0.36
N PRO A 75 -38.64 -6.49 0.22
CA PRO A 75 -39.50 -7.71 0.19
C PRO A 75 -40.11 -7.94 -1.17
N GLY A 76 -40.19 -9.23 -1.56
CA GLY A 76 -40.59 -9.68 -2.90
C GLY A 76 -39.68 -9.22 -4.03
N PHE A 77 -38.43 -8.89 -3.74
CA PHE A 77 -37.49 -8.48 -4.78
C PHE A 77 -36.88 -9.75 -5.32
N GLU A 78 -36.77 -9.89 -6.63
CA GLU A 78 -36.22 -11.15 -7.16
C GLU A 78 -34.81 -11.61 -6.63
N GLY A 79 -33.89 -10.68 -6.38
CA GLY A 79 -32.48 -11.00 -6.12
C GLY A 79 -32.25 -11.30 -4.65
N THR A 80 -33.35 -11.29 -3.92
CA THR A 80 -33.36 -11.38 -2.49
C THR A 80 -34.13 -12.64 -2.11
N GLU A 81 -35.26 -12.86 -2.79
CA GLU A 81 -36.08 -14.02 -2.55
C GLU A 81 -35.49 -15.32 -3.10
N MET A 82 -34.77 -15.27 -4.20
CA MET A 82 -34.10 -16.49 -4.69
C MET A 82 -33.30 -17.20 -3.54
N TRP A 83 -32.89 -16.45 -2.52
CA TRP A 83 -32.13 -17.06 -1.42
C TRP A 83 -32.92 -17.49 -0.18
N ASN A 84 -34.15 -16.98 0.00
CA ASN A 84 -35.08 -17.34 1.11
C ASN A 84 -35.72 -18.68 0.90
N PRO A 85 -36.25 -19.27 2.00
CA PRO A 85 -36.78 -20.65 1.92
C PRO A 85 -37.95 -20.70 1.00
N ASN A 86 -38.01 -21.73 0.18
CA ASN A 86 -39.19 -22.11 -0.59
C ASN A 86 -39.95 -23.33 -0.01
N ARG A 87 -39.78 -23.62 1.26
CA ARG A 87 -40.54 -24.70 1.85
C ARG A 87 -40.76 -24.24 3.24
N GLU A 88 -41.56 -24.98 4.00
CA GLU A 88 -41.76 -24.56 5.36
C GLU A 88 -40.53 -24.79 6.21
N LEU A 89 -40.34 -23.91 7.20
CA LEU A 89 -39.30 -24.12 8.18
C LEU A 89 -39.72 -25.30 9.04
N SER A 90 -38.79 -26.19 9.37
CA SER A 90 -39.05 -27.16 10.42
C SER A 90 -37.77 -27.50 11.16
N GLU A 91 -37.81 -27.96 12.41
CA GLU A 91 -36.57 -28.38 13.01
C GLU A 91 -36.30 -29.78 12.47
N ASP A 92 -37.34 -30.40 11.95
CA ASP A 92 -37.19 -31.67 11.30
C ASP A 92 -36.91 -31.39 9.82
N CYS A 93 -35.61 -31.42 9.51
CA CYS A 93 -35.10 -30.92 8.25
C CYS A 93 -33.88 -31.69 7.69
N LEU A 94 -33.30 -32.57 8.48
CA LEU A 94 -32.19 -33.34 7.99
C LEU A 94 -32.57 -34.40 6.91
N TYR A 95 -32.74 -33.89 5.70
CA TYR A 95 -32.94 -34.69 4.49
C TYR A 95 -31.85 -34.39 3.43
N LEU A 96 -31.51 -35.35 2.58
CA LEU A 96 -30.70 -35.05 1.35
C LEU A 96 -31.41 -35.42 0.06
N ASN A 97 -30.87 -34.96 -1.05
CA ASN A 97 -31.43 -35.31 -2.35
C ASN A 97 -30.42 -35.96 -3.21
N VAL A 98 -30.92 -36.88 -4.07
CA VAL A 98 -30.04 -37.45 -5.09
C VAL A 98 -30.58 -37.30 -6.50
N TRP A 99 -29.77 -36.69 -7.36
CA TRP A 99 -30.05 -36.74 -8.81
C TRP A 99 -29.08 -37.71 -9.46
N THR A 100 -29.66 -38.52 -10.37
CA THR A 100 -28.97 -39.58 -11.15
C THR A 100 -29.55 -39.72 -12.60
N PRO A 101 -28.69 -40.09 -13.60
CA PRO A 101 -29.01 -40.12 -15.05
C PRO A 101 -30.10 -41.15 -15.47
N TYR A 102 -31.01 -40.79 -16.36
CA TYR A 102 -32.22 -41.62 -16.63
C TYR A 102 -32.02 -43.09 -17.04
N PRO A 103 -31.05 -43.36 -17.91
CA PRO A 103 -30.63 -44.78 -17.90
C PRO A 103 -29.70 -45.00 -16.70
N ARG A 104 -30.24 -45.30 -15.51
CA ARG A 104 -29.39 -45.28 -14.32
C ARG A 104 -28.01 -45.87 -14.67
N PRO A 105 -26.97 -45.05 -14.66
CA PRO A 105 -25.68 -45.56 -15.15
C PRO A 105 -25.34 -46.93 -14.59
N THR A 106 -24.91 -47.83 -15.47
CA THR A 106 -24.40 -49.12 -15.02
C THR A 106 -22.92 -49.00 -14.65
N SER A 107 -22.20 -48.12 -15.32
CA SER A 107 -20.84 -47.78 -14.86
C SER A 107 -20.89 -47.10 -13.47
N PRO A 108 -19.94 -47.44 -12.55
CA PRO A 108 -19.84 -46.63 -11.34
C PRO A 108 -19.39 -45.18 -11.62
N THR A 109 -20.34 -44.34 -12.06
CA THR A 109 -20.15 -42.91 -12.36
C THR A 109 -19.80 -42.05 -11.15
N PRO A 110 -19.06 -40.92 -11.34
CA PRO A 110 -18.55 -40.05 -10.22
C PRO A 110 -19.56 -39.08 -9.57
N VAL A 111 -19.18 -38.67 -8.34
CA VAL A 111 -20.12 -37.92 -7.47
C VAL A 111 -19.71 -36.51 -6.98
N LEU A 112 -20.67 -35.61 -7.24
CA LEU A 112 -20.64 -34.21 -6.86
C LEU A 112 -21.60 -33.94 -5.68
N VAL A 113 -21.04 -33.54 -4.53
CA VAL A 113 -21.86 -33.24 -3.33
C VAL A 113 -21.92 -31.72 -3.07
N TRP A 114 -23.09 -31.14 -3.14
CA TRP A 114 -23.23 -29.72 -2.97
C TRP A 114 -23.57 -29.28 -1.56
N ILE A 115 -22.85 -28.29 -1.04
CA ILE A 115 -23.13 -27.77 0.30
C ILE A 115 -23.58 -26.31 0.23
N TYR A 116 -24.88 -26.01 0.42
CA TYR A 116 -25.34 -24.61 0.27
C TYR A 116 -24.62 -23.60 1.19
N GLY A 117 -24.47 -22.37 0.68
CA GLY A 117 -23.93 -21.28 1.50
C GLY A 117 -25.04 -20.50 2.23
N GLY A 118 -24.69 -19.35 2.80
CA GLY A 118 -25.66 -18.58 3.48
C GLY A 118 -25.32 -18.17 4.89
N GLY A 119 -24.07 -17.75 5.10
CA GLY A 119 -23.60 -17.26 6.40
C GLY A 119 -23.67 -18.22 7.58
N PHE A 120 -23.95 -19.49 7.34
CA PHE A 120 -24.25 -20.37 8.46
C PHE A 120 -25.50 -20.00 9.19
N TYR A 121 -26.32 -19.17 8.60
CA TYR A 121 -27.44 -18.74 9.33
C TYR A 121 -28.70 -18.95 8.56
N SER A 122 -28.58 -19.46 7.31
CA SER A 122 -29.67 -19.58 6.31
C SER A 122 -29.37 -20.54 5.16
N GLY A 123 -30.39 -20.87 4.39
CA GLY A 123 -30.22 -21.53 3.10
C GLY A 123 -30.71 -22.96 3.02
N ALA A 124 -31.13 -23.43 1.85
CA ALA A 124 -31.70 -24.76 1.77
C ALA A 124 -31.22 -25.49 0.55
N SER A 125 -31.11 -26.80 0.61
CA SER A 125 -30.75 -27.49 -0.57
C SER A 125 -31.87 -27.43 -1.58
N SER A 126 -33.06 -27.05 -1.17
CA SER A 126 -34.19 -27.03 -2.09
C SER A 126 -34.35 -25.79 -2.94
N LEU A 127 -33.42 -24.84 -2.88
CA LEU A 127 -33.60 -23.59 -3.61
C LEU A 127 -33.52 -23.85 -5.11
N ASP A 128 -34.18 -23.02 -5.93
CA ASP A 128 -34.23 -23.28 -7.38
C ASP A 128 -32.87 -23.29 -8.09
N VAL A 129 -32.07 -22.35 -7.70
CA VAL A 129 -30.74 -22.19 -8.15
C VAL A 129 -29.89 -23.40 -7.90
N TYR A 130 -30.33 -24.36 -7.11
CA TYR A 130 -29.44 -25.48 -6.82
C TYR A 130 -29.94 -26.77 -7.45
N ASP A 131 -30.75 -26.67 -8.51
CA ASP A 131 -31.26 -27.84 -9.21
C ASP A 131 -30.19 -28.71 -9.89
N GLY A 132 -30.08 -29.94 -9.42
CA GLY A 132 -29.16 -30.88 -10.03
C GLY A 132 -29.44 -31.27 -11.48
N ARG A 133 -30.70 -31.26 -11.95
CA ARG A 133 -31.04 -31.85 -13.25
C ARG A 133 -30.12 -31.48 -14.42
N PHE A 134 -29.79 -30.21 -14.60
CA PHE A 134 -28.97 -29.78 -15.73
C PHE A 134 -27.54 -30.21 -15.72
N LEU A 135 -26.96 -30.38 -14.56
CA LEU A 135 -25.59 -30.72 -14.56
C LEU A 135 -25.51 -32.25 -14.58
N VAL A 136 -26.63 -32.93 -14.61
CA VAL A 136 -26.52 -34.36 -14.39
C VAL A 136 -26.79 -34.97 -15.73
N GLN A 137 -27.88 -34.48 -16.31
CA GLN A 137 -28.32 -34.91 -17.63
C GLN A 137 -27.29 -34.60 -18.63
N ALA A 138 -26.59 -33.50 -18.42
CA ALA A 138 -25.57 -33.09 -19.33
C ALA A 138 -24.13 -33.49 -18.95
N GLU A 139 -23.89 -34.36 -17.99
CA GLU A 139 -22.47 -34.72 -17.71
C GLU A 139 -22.36 -36.09 -17.08
N ARG A 140 -23.54 -36.69 -16.99
CA ARG A 140 -23.71 -38.01 -16.46
C ARG A 140 -22.86 -38.20 -15.21
N THR A 141 -23.15 -37.37 -14.19
CA THR A 141 -22.66 -37.59 -12.81
C THR A 141 -23.82 -37.77 -11.80
N VAL A 142 -23.43 -38.21 -10.60
CA VAL A 142 -24.37 -38.20 -9.50
C VAL A 142 -24.09 -36.98 -8.60
N LEU A 143 -25.19 -36.26 -8.37
CA LEU A 143 -25.27 -35.04 -7.59
C LEU A 143 -26.07 -35.20 -6.26
N VAL A 144 -25.40 -34.98 -5.12
CA VAL A 144 -26.06 -35.02 -3.79
C VAL A 144 -26.09 -33.60 -3.12
N SER A 145 -27.26 -33.12 -2.72
CA SER A 145 -27.28 -31.94 -1.88
C SER A 145 -27.98 -32.31 -0.59
N MET A 146 -27.35 -31.94 0.53
CA MET A 146 -27.93 -32.21 1.85
C MET A 146 -28.38 -30.95 2.59
N ASN A 147 -29.33 -31.09 3.52
CA ASN A 147 -29.69 -29.98 4.40
C ASN A 147 -28.86 -30.02 5.67
N TYR A 148 -28.55 -28.89 6.25
CA TYR A 148 -27.85 -28.99 7.50
C TYR A 148 -28.31 -27.85 8.37
N ARG A 149 -28.34 -28.08 9.68
CA ARG A 149 -28.80 -27.07 10.63
C ARG A 149 -27.98 -25.78 10.56
N VAL A 150 -28.67 -24.65 10.46
CA VAL A 150 -27.99 -23.36 10.39
C VAL A 150 -28.47 -22.56 11.58
N GLY A 151 -27.90 -21.36 11.72
CA GLY A 151 -28.02 -20.56 12.94
C GLY A 151 -27.86 -21.30 14.26
N ALA A 152 -28.52 -20.77 15.30
CA ALA A 152 -28.28 -21.31 16.65
C ALA A 152 -28.48 -22.83 16.67
N PHE A 153 -29.36 -23.35 15.82
CA PHE A 153 -29.71 -24.72 15.85
C PHE A 153 -28.62 -25.63 15.42
N GLY A 154 -27.70 -25.07 14.63
CA GLY A 154 -26.59 -25.85 14.13
C GLY A 154 -25.27 -25.43 14.72
N PHE A 155 -25.25 -24.24 15.26
CA PHE A 155 -23.97 -23.70 15.52
C PHE A 155 -23.78 -23.11 16.85
N LEU A 156 -24.85 -22.93 17.62
CA LEU A 156 -24.72 -22.48 19.02
C LEU A 156 -23.91 -23.47 19.76
N ALA A 157 -22.91 -22.94 20.47
CA ALA A 157 -22.07 -23.75 21.32
C ALA A 157 -21.72 -23.02 22.61
N LEU A 158 -21.80 -23.83 23.67
CA LEU A 158 -21.42 -23.51 25.00
C LEU A 158 -20.26 -24.47 25.17
N PRO A 159 -19.04 -24.07 24.67
CA PRO A 159 -17.97 -25.06 24.33
C PRO A 159 -17.50 -25.79 25.57
N GLY A 160 -17.14 -27.06 25.42
CA GLY A 160 -16.76 -27.84 26.60
C GLY A 160 -17.86 -28.70 27.21
N SER A 161 -19.05 -28.13 27.47
CA SER A 161 -20.27 -28.88 27.91
C SER A 161 -20.75 -29.92 26.87
N ARG A 162 -21.55 -30.89 27.27
CA ARG A 162 -21.86 -31.99 26.40
C ARG A 162 -23.20 -31.68 25.82
N GLU A 163 -23.82 -30.58 26.26
CA GLU A 163 -25.20 -30.30 25.80
C GLU A 163 -25.34 -29.40 24.59
N ALA A 164 -24.40 -28.47 24.44
CA ALA A 164 -24.18 -27.71 23.21
C ALA A 164 -22.72 -27.76 22.84
N PRO A 165 -22.29 -28.84 22.15
CA PRO A 165 -20.90 -29.17 21.77
C PRO A 165 -20.37 -28.29 20.66
N GLY A 166 -21.28 -27.64 19.91
CA GLY A 166 -20.93 -26.72 18.83
C GLY A 166 -20.82 -27.44 17.50
N ASN A 167 -20.70 -26.69 16.41
CA ASN A 167 -20.46 -27.31 15.11
C ASN A 167 -21.35 -28.48 14.77
N VAL A 168 -22.60 -28.49 15.17
CA VAL A 168 -23.40 -29.61 14.74
C VAL A 168 -23.88 -29.57 13.26
N GLY A 169 -23.99 -28.35 12.69
CA GLY A 169 -24.26 -28.20 11.27
C GLY A 169 -23.18 -28.95 10.50
N LEU A 170 -21.91 -28.77 10.90
CA LEU A 170 -20.80 -29.49 10.28
C LEU A 170 -20.98 -30.95 10.47
N LEU A 171 -21.26 -31.35 11.70
CA LEU A 171 -21.59 -32.76 11.92
C LEU A 171 -22.75 -33.29 11.04
N ASP A 172 -23.75 -32.43 10.79
CA ASP A 172 -24.91 -32.86 10.00
C ASP A 172 -24.37 -33.23 8.63
N GLN A 173 -23.53 -32.32 8.10
CA GLN A 173 -22.91 -32.46 6.79
C GLN A 173 -22.12 -33.78 6.72
N ARG A 174 -21.17 -33.93 7.66
CA ARG A 174 -20.42 -35.14 7.74
C ARG A 174 -21.30 -36.37 7.65
N LEU A 175 -22.25 -36.50 8.55
CA LEU A 175 -23.05 -37.69 8.49
C LEU A 175 -23.70 -37.81 7.13
N ALA A 176 -24.10 -36.72 6.51
CA ALA A 176 -24.58 -36.90 5.10
C ALA A 176 -23.48 -37.47 4.15
N LEU A 177 -22.24 -37.00 4.30
CA LEU A 177 -21.17 -37.60 3.56
C LEU A 177 -21.17 -39.09 3.82
N GLN A 178 -21.16 -39.52 5.10
CA GLN A 178 -21.13 -40.95 5.46
C GLN A 178 -22.27 -41.64 4.80
N TRP A 179 -23.35 -40.95 4.55
CA TRP A 179 -24.46 -41.67 3.94
C TRP A 179 -24.23 -41.90 2.46
N VAL A 180 -23.42 -41.07 1.88
CA VAL A 180 -23.14 -41.17 0.46
C VAL A 180 -22.17 -42.34 0.28
N GLN A 181 -21.18 -42.50 1.16
CA GLN A 181 -20.38 -43.73 1.12
C GLN A 181 -21.31 -44.94 1.06
N GLU A 182 -22.01 -45.16 2.17
CA GLU A 182 -22.83 -46.32 2.29
C GLU A 182 -24.00 -46.45 1.28
N ASN A 183 -24.19 -45.56 0.32
CA ASN A 183 -25.45 -45.65 -0.38
C ASN A 183 -25.48 -45.13 -1.76
N VAL A 184 -24.45 -44.36 -2.10
CA VAL A 184 -24.52 -43.60 -3.37
C VAL A 184 -24.45 -44.66 -4.47
N ALA A 185 -23.49 -45.59 -4.22
CA ALA A 185 -23.37 -46.92 -4.84
C ALA A 185 -24.71 -47.30 -5.49
N ALA A 186 -25.77 -47.47 -4.71
CA ALA A 186 -27.06 -47.97 -5.22
C ALA A 186 -27.77 -47.06 -6.22
N PHE A 187 -27.12 -45.96 -6.63
CA PHE A 187 -27.71 -45.02 -7.62
C PHE A 187 -26.89 -44.86 -8.92
N GLY A 188 -25.64 -45.24 -8.87
CA GLY A 188 -24.76 -45.00 -9.95
C GLY A 188 -23.47 -44.72 -9.24
N GLY A 189 -23.49 -43.86 -8.26
CA GLY A 189 -22.24 -43.20 -7.88
C GLY A 189 -21.07 -44.04 -7.43
N ASP A 190 -19.87 -43.62 -7.74
CA ASP A 190 -18.73 -44.35 -7.28
C ASP A 190 -18.32 -43.78 -5.92
N PRO A 191 -18.48 -44.50 -4.84
CA PRO A 191 -18.01 -44.04 -3.52
C PRO A 191 -16.57 -43.64 -3.44
N THR A 192 -15.79 -43.94 -4.46
CA THR A 192 -14.48 -43.30 -4.61
C THR A 192 -14.81 -42.05 -5.48
N SER A 193 -13.93 -41.52 -6.34
CA SER A 193 -14.25 -40.21 -7.03
C SER A 193 -15.58 -39.43 -6.57
N VAL A 194 -15.43 -38.75 -5.41
CA VAL A 194 -16.45 -37.93 -4.80
C VAL A 194 -15.91 -36.53 -4.51
N THR A 195 -16.57 -35.56 -5.14
CA THR A 195 -16.17 -34.14 -5.05
C THR A 195 -17.16 -33.25 -4.25
N LEU A 196 -16.59 -32.60 -3.25
CA LEU A 196 -17.33 -31.67 -2.45
C LEU A 196 -17.35 -30.30 -3.12
N PHE A 197 -18.52 -29.69 -3.30
CA PHE A 197 -18.47 -28.28 -3.65
C PHE A 197 -19.49 -27.42 -2.96
N GLY A 198 -19.06 -26.22 -2.54
CA GLY A 198 -19.97 -25.24 -1.93
C GLY A 198 -19.58 -23.80 -2.16
N GLU A 199 -20.53 -22.90 -1.94
CA GLU A 199 -20.41 -21.46 -2.12
C GLU A 199 -20.51 -20.72 -0.77
N SER A 200 -19.94 -19.50 -0.64
CA SER A 200 -19.90 -18.77 0.68
C SER A 200 -19.74 -19.71 1.94
N ALA A 201 -20.69 -19.77 2.86
CA ALA A 201 -20.42 -20.61 4.01
C ALA A 201 -20.38 -22.11 3.63
N GLY A 202 -21.07 -22.43 2.55
CA GLY A 202 -20.94 -23.75 1.97
C GLY A 202 -19.51 -24.09 1.56
N ALA A 203 -18.77 -23.08 1.07
CA ALA A 203 -17.40 -23.27 0.63
C ALA A 203 -16.56 -23.45 1.86
N ALA A 204 -16.75 -22.57 2.86
CA ALA A 204 -15.88 -22.61 4.02
C ALA A 204 -16.17 -23.87 4.78
N SER A 205 -17.42 -24.35 4.70
CA SER A 205 -17.79 -25.68 5.21
C SER A 205 -16.85 -26.72 4.63
N VAL A 206 -16.87 -26.80 3.29
CA VAL A 206 -15.99 -27.69 2.54
C VAL A 206 -14.55 -27.52 3.07
N GLY A 207 -14.10 -26.27 3.16
CA GLY A 207 -12.82 -25.99 3.78
C GLY A 207 -12.64 -26.78 5.07
N MET A 208 -13.59 -26.67 5.99
CA MET A 208 -13.39 -27.31 7.28
C MET A 208 -13.30 -28.83 7.12
N HIS A 209 -14.18 -29.42 6.32
CA HIS A 209 -13.95 -30.83 6.00
C HIS A 209 -12.49 -31.24 5.48
N LEU A 210 -11.77 -30.39 4.73
CA LEU A 210 -10.33 -30.61 4.46
C LEU A 210 -9.57 -30.64 5.73
N LEU A 211 -9.86 -29.75 6.64
CA LEU A 211 -9.06 -29.71 7.82
C LEU A 211 -9.54 -30.66 8.91
N SER A 212 -10.55 -31.49 8.68
CA SER A 212 -10.99 -32.35 9.80
C SER A 212 -10.88 -33.84 9.52
N PRO A 213 -9.86 -34.48 10.16
CA PRO A 213 -9.43 -35.86 9.83
C PRO A 213 -10.61 -36.82 9.64
N PRO A 214 -11.55 -36.93 10.62
CA PRO A 214 -12.68 -37.88 10.40
C PRO A 214 -13.42 -37.74 9.04
N SER A 215 -13.76 -36.48 8.65
CA SER A 215 -14.38 -36.11 7.33
C SER A 215 -13.49 -36.46 6.12
N ARG A 216 -12.17 -36.31 6.34
CA ARG A 216 -11.17 -36.47 5.29
C ARG A 216 -11.29 -37.83 4.53
N GLY A 217 -11.53 -38.91 5.25
CA GLY A 217 -11.86 -40.12 4.53
C GLY A 217 -13.05 -40.08 3.56
N LEU A 218 -13.86 -39.02 3.50
CA LEU A 218 -15.22 -39.19 2.91
C LEU A 218 -15.46 -38.61 1.52
N PHE A 219 -14.48 -37.84 1.06
CA PHE A 219 -14.44 -37.21 -0.25
C PHE A 219 -12.99 -37.14 -0.70
N HIS A 220 -12.83 -36.97 -2.03
CA HIS A 220 -11.52 -37.11 -2.68
C HIS A 220 -10.97 -35.76 -3.14
N ARG A 221 -11.84 -35.04 -3.83
CA ARG A 221 -11.57 -33.72 -4.34
C ARG A 221 -12.59 -32.63 -3.82
N ALA A 222 -12.11 -31.38 -3.79
CA ALA A 222 -12.82 -30.22 -3.22
C ALA A 222 -13.08 -29.05 -4.20
N VAL A 223 -14.23 -28.42 -4.15
CA VAL A 223 -14.34 -27.09 -4.78
C VAL A 223 -14.77 -26.02 -3.77
N LEU A 224 -14.03 -24.91 -3.65
CA LEU A 224 -14.42 -23.81 -2.78
C LEU A 224 -14.86 -22.58 -3.58
N GLN A 225 -16.13 -22.42 -3.90
CA GLN A 225 -16.53 -21.17 -4.50
C GLN A 225 -16.85 -20.00 -3.51
N SER A 226 -16.03 -18.97 -3.58
CA SER A 226 -16.31 -17.68 -2.97
C SER A 226 -16.29 -17.72 -1.46
N GLY A 227 -15.56 -18.67 -0.86
CA GLY A 227 -15.43 -18.64 0.59
C GLY A 227 -14.34 -19.57 1.05
N ALA A 228 -13.79 -19.32 2.23
CA ALA A 228 -12.75 -20.18 2.77
C ALA A 228 -12.91 -20.25 4.29
N PRO A 229 -12.50 -21.35 4.97
CA PRO A 229 -12.67 -21.46 6.40
C PRO A 229 -11.77 -20.54 7.20
N ASN A 230 -10.68 -20.12 6.62
CA ASN A 230 -9.89 -19.13 7.32
C ASN A 230 -10.41 -17.71 7.25
N GLY A 231 -11.49 -17.42 6.52
CA GLY A 231 -12.08 -16.08 6.48
C GLY A 231 -12.51 -15.54 7.87
N PRO A 232 -12.37 -14.21 8.12
CA PRO A 232 -12.71 -13.63 9.42
C PRO A 232 -14.12 -13.92 9.92
N TRP A 233 -15.02 -14.35 9.08
CA TRP A 233 -16.38 -14.41 9.52
C TRP A 233 -16.82 -15.81 9.88
N ALA A 234 -16.00 -16.77 9.54
CA ALA A 234 -16.46 -18.11 9.35
C ALA A 234 -16.21 -18.99 10.51
N THR A 235 -15.54 -18.49 11.53
CA THR A 235 -15.38 -19.20 12.79
C THR A 235 -15.12 -18.18 13.87
N VAL A 236 -15.42 -18.63 15.09
CA VAL A 236 -15.49 -17.84 16.30
C VAL A 236 -14.74 -18.64 17.40
N GLY A 237 -14.05 -17.95 18.31
CA GLY A 237 -13.39 -18.78 19.33
C GLY A 237 -14.31 -19.08 20.53
N MET A 238 -14.12 -20.23 21.21
CA MET A 238 -14.87 -20.54 22.49
C MET A 238 -15.31 -19.37 23.42
N GLY A 239 -14.44 -18.38 23.60
CA GLY A 239 -14.77 -17.17 24.34
C GLY A 239 -16.05 -16.57 23.83
N GLU A 240 -16.04 -16.00 22.61
CA GLU A 240 -17.25 -15.46 21.97
C GLU A 240 -18.37 -16.45 21.86
N ALA A 241 -18.05 -17.69 21.51
CA ALA A 241 -19.09 -18.70 21.39
C ALA A 241 -20.10 -18.66 22.53
N ARG A 242 -19.55 -18.69 23.75
CA ARG A 242 -20.29 -18.78 25.01
C ARG A 242 -20.79 -17.42 25.38
N ARG A 243 -19.97 -16.44 25.18
CA ARG A 243 -20.42 -15.08 25.35
C ARG A 243 -21.75 -14.94 24.57
N ARG A 244 -21.80 -15.50 23.37
CA ARG A 244 -22.91 -15.30 22.46
C ARG A 244 -24.07 -16.25 22.73
N ALA A 245 -23.80 -17.53 23.04
CA ALA A 245 -24.86 -18.45 23.47
C ALA A 245 -25.60 -17.85 24.68
N THR A 246 -24.86 -17.49 25.71
CA THR A 246 -25.45 -16.84 26.88
C THR A 246 -26.26 -15.60 26.57
N GLN A 247 -25.63 -14.64 25.92
CA GLN A 247 -26.33 -13.46 25.55
C GLN A 247 -27.67 -13.83 24.92
N LEU A 248 -27.82 -15.02 24.34
CA LEU A 248 -29.06 -15.32 23.59
C LEU A 248 -30.07 -15.75 24.60
N ALA A 249 -29.68 -16.80 25.34
CA ALA A 249 -30.43 -17.32 26.46
C ALA A 249 -30.99 -16.19 27.32
N HIS A 250 -30.18 -15.16 27.56
CA HIS A 250 -30.65 -14.02 28.29
C HIS A 250 -31.83 -13.38 27.56
N LEU A 251 -31.69 -12.94 26.31
CA LEU A 251 -32.79 -12.14 25.71
C LEU A 251 -34.03 -12.95 25.47
N VAL A 252 -33.94 -14.23 25.68
CA VAL A 252 -35.03 -15.05 25.33
C VAL A 252 -35.75 -15.47 26.63
N GLY A 253 -35.39 -14.79 27.73
CA GLY A 253 -35.77 -15.12 29.15
C GLY A 253 -35.11 -16.43 29.53
N CYS A 254 -34.43 -16.48 30.66
CA CYS A 254 -33.75 -17.70 31.16
C CYS A 254 -32.22 -17.55 31.21
N PRO A 255 -31.54 -18.17 32.23
CA PRO A 255 -32.11 -19.08 33.22
C PRO A 255 -32.88 -18.35 34.34
N GLY A 261 -25.42 -28.89 38.18
CA GLY A 261 -24.63 -28.03 37.29
C GLY A 261 -25.46 -26.88 36.68
N ASN A 262 -24.79 -25.75 36.35
CA ASN A 262 -25.35 -24.66 35.47
C ASN A 262 -25.16 -25.15 34.01
N ASP A 263 -25.00 -24.28 32.99
CA ASP A 263 -24.86 -24.77 31.58
C ASP A 263 -26.00 -25.68 31.24
N THR A 264 -25.87 -27.00 31.47
CA THR A 264 -27.03 -27.94 31.42
C THR A 264 -28.35 -27.27 31.69
N GLU A 265 -28.34 -26.44 32.72
CA GLU A 265 -29.50 -25.71 33.12
C GLU A 265 -29.88 -24.66 32.07
N LEU A 266 -28.90 -23.88 31.58
CA LEU A 266 -29.08 -22.90 30.46
C LEU A 266 -29.62 -23.51 29.16
N VAL A 267 -28.97 -24.59 28.73
CA VAL A 267 -29.30 -25.28 27.52
C VAL A 267 -30.69 -25.83 27.62
N ALA A 268 -31.04 -26.53 28.68
CA ALA A 268 -32.31 -27.25 28.58
C ALA A 268 -33.48 -26.27 28.75
N CYS A 269 -33.16 -25.11 29.29
CA CYS A 269 -34.11 -24.01 29.37
C CYS A 269 -34.25 -23.24 28.05
N LEU A 270 -33.66 -23.81 27.00
CA LEU A 270 -33.51 -23.15 25.70
C LEU A 270 -33.99 -24.19 24.74
N ARG A 271 -33.94 -25.46 25.14
CA ARG A 271 -34.56 -26.49 24.35
C ARG A 271 -36.05 -26.42 24.46
N THR A 272 -36.54 -25.51 25.31
CA THR A 272 -37.96 -25.42 25.63
C THR A 272 -38.63 -24.32 24.86
N ARG A 273 -37.82 -23.41 24.30
CA ARG A 273 -38.37 -22.30 23.57
C ARG A 273 -38.74 -22.77 22.18
N PRO A 274 -39.85 -22.26 21.61
CA PRO A 274 -40.18 -22.50 20.23
C PRO A 274 -39.04 -22.03 19.41
N ALA A 275 -38.77 -22.78 18.36
CA ALA A 275 -37.76 -22.44 17.40
C ALA A 275 -37.94 -21.01 16.91
N GLN A 276 -39.13 -20.62 16.47
CA GLN A 276 -39.28 -19.25 15.98
C GLN A 276 -38.78 -18.17 16.90
N VAL A 277 -38.67 -18.50 18.16
CA VAL A 277 -38.38 -17.48 19.14
C VAL A 277 -36.86 -17.28 19.17
N LEU A 278 -36.13 -18.39 19.29
CA LEU A 278 -34.70 -18.41 19.05
C LEU A 278 -34.35 -17.60 17.80
N VAL A 279 -34.98 -17.92 16.68
CA VAL A 279 -34.70 -17.23 15.46
C VAL A 279 -34.92 -15.74 15.52
N ASN A 280 -35.96 -15.26 16.18
CA ASN A 280 -36.11 -13.80 16.21
C ASN A 280 -35.11 -13.04 17.02
N HIS A 281 -34.37 -13.72 17.87
CA HIS A 281 -33.45 -12.98 18.71
C HIS A 281 -32.02 -13.13 18.22
N GLU A 282 -31.82 -13.94 17.17
CA GLU A 282 -30.52 -14.31 16.58
C GLU A 282 -29.67 -13.09 16.32
N TRP A 283 -30.22 -12.09 15.64
CA TRP A 283 -29.36 -11.02 15.14
C TRP A 283 -28.93 -10.15 16.25
N HIS A 284 -29.73 -10.17 17.30
CA HIS A 284 -29.45 -9.41 18.50
C HIS A 284 -28.21 -9.84 19.27
N VAL A 285 -27.49 -10.89 18.90
CA VAL A 285 -26.41 -11.24 19.79
C VAL A 285 -25.04 -10.89 19.34
N LEU A 286 -24.91 -10.06 18.32
CA LEU A 286 -23.60 -9.78 17.75
C LEU A 286 -22.90 -8.61 18.41
N PRO A 287 -21.59 -8.79 18.78
CA PRO A 287 -20.68 -7.83 19.41
C PRO A 287 -20.88 -6.38 19.04
N GLN A 288 -20.89 -6.01 17.75
CA GLN A 288 -21.08 -4.58 17.33
C GLN A 288 -21.68 -4.52 15.93
N GLU A 289 -21.93 -3.31 15.43
CA GLU A 289 -22.55 -3.13 14.09
C GLU A 289 -21.61 -3.55 12.96
N SER A 290 -22.13 -4.32 12.02
CA SER A 290 -21.24 -4.97 11.14
C SER A 290 -21.95 -5.53 9.93
N VAL A 291 -21.22 -5.58 8.84
CA VAL A 291 -21.71 -6.31 7.69
C VAL A 291 -20.84 -7.57 7.46
N PHE A 292 -21.43 -8.65 6.97
CA PHE A 292 -20.69 -9.91 6.82
C PHE A 292 -20.10 -10.39 8.13
N ARG A 293 -20.93 -10.57 9.16
CA ARG A 293 -20.60 -11.26 10.40
C ARG A 293 -21.86 -12.00 10.79
N PHE A 294 -21.80 -13.19 11.36
CA PHE A 294 -23.02 -13.95 11.60
C PHE A 294 -22.89 -14.48 12.99
N SER A 295 -23.99 -14.64 13.72
CA SER A 295 -23.81 -14.96 15.16
C SER A 295 -23.38 -16.34 15.46
N PHE A 296 -24.05 -17.32 14.89
CA PHE A 296 -23.69 -18.70 15.19
C PHE A 296 -22.97 -19.30 14.01
N VAL A 297 -21.67 -19.47 14.19
CA VAL A 297 -20.78 -20.07 13.19
C VAL A 297 -19.95 -21.16 13.84
N PRO A 298 -19.19 -21.93 13.06
CA PRO A 298 -18.40 -23.01 13.65
C PRO A 298 -17.42 -22.48 14.67
N VAL A 299 -17.04 -23.32 15.60
CA VAL A 299 -16.22 -22.86 16.73
C VAL A 299 -14.91 -23.64 16.79
N VAL A 300 -13.83 -22.96 17.16
CA VAL A 300 -12.58 -23.70 17.36
C VAL A 300 -12.63 -24.32 18.74
N ASP A 301 -13.32 -25.45 18.87
CA ASP A 301 -13.52 -26.05 20.21
C ASP A 301 -12.33 -26.92 20.56
N GLY A 302 -11.52 -27.28 19.55
CA GLY A 302 -10.42 -28.21 19.76
C GLY A 302 -10.85 -29.62 19.41
N ASP A 303 -12.15 -29.78 19.17
CA ASP A 303 -12.71 -31.08 18.81
C ASP A 303 -12.75 -31.38 17.29
N PHE A 304 -13.75 -30.86 16.56
CA PHE A 304 -13.89 -30.97 15.09
C PHE A 304 -12.76 -30.20 14.41
N LEU A 305 -12.53 -29.01 14.92
CA LEU A 305 -11.41 -28.26 14.47
C LEU A 305 -10.33 -28.37 15.52
N SER A 306 -9.43 -29.30 15.27
CA SER A 306 -8.23 -29.49 16.09
C SER A 306 -7.58 -28.16 16.65
N ASP A 307 -7.60 -27.11 15.83
CA ASP A 307 -7.06 -25.78 16.13
C ASP A 307 -7.54 -24.75 15.07
N THR A 308 -7.28 -23.43 15.23
CA THR A 308 -7.81 -22.41 14.33
C THR A 308 -7.56 -22.84 12.89
N PRO A 309 -8.56 -22.67 11.99
CA PRO A 309 -8.38 -23.37 10.74
C PRO A 309 -7.20 -22.82 10.00
N GLU A 310 -6.79 -21.58 10.30
CA GLU A 310 -5.57 -21.04 9.69
C GLU A 310 -4.32 -21.80 10.15
N ALA A 311 -4.12 -21.90 11.45
CA ALA A 311 -3.04 -22.71 12.03
C ALA A 311 -2.97 -24.11 11.44
N LEU A 312 -4.11 -24.76 11.27
CA LEU A 312 -4.15 -26.07 10.64
C LEU A 312 -3.74 -26.02 9.21
N ILE A 313 -4.22 -25.01 8.49
CA ILE A 313 -3.97 -24.87 7.06
C ILE A 313 -2.49 -24.75 6.85
N ASN A 314 -1.86 -23.86 7.64
CA ASN A 314 -0.42 -23.63 7.64
C ASN A 314 0.30 -24.92 7.80
N ALA A 315 0.31 -25.43 9.02
CA ALA A 315 1.06 -26.62 9.33
C ALA A 315 0.34 -27.89 8.79
N GLY A 316 0.26 -28.16 7.49
CA GLY A 316 -0.46 -29.34 7.10
C GLY A 316 -0.03 -29.90 5.78
N ASP A 317 -0.01 -31.22 5.63
CA ASP A 317 0.38 -31.82 4.37
C ASP A 317 -0.82 -32.09 3.47
N PHE A 318 -0.77 -31.61 2.23
CA PHE A 318 -1.91 -31.73 1.33
C PHE A 318 -1.58 -32.45 0.07
N HIS A 319 -0.53 -33.27 0.10
CA HIS A 319 -0.20 -34.03 -1.11
C HIS A 319 -1.40 -34.88 -1.49
N GLY A 320 -1.62 -35.09 -2.77
CA GLY A 320 -2.66 -36.05 -3.12
C GLY A 320 -4.04 -35.44 -3.17
N LEU A 321 -4.10 -34.13 -2.89
CA LEU A 321 -5.34 -33.35 -2.96
C LEU A 321 -5.48 -32.39 -4.16
N GLN A 322 -6.48 -32.55 -5.01
CA GLN A 322 -6.77 -31.51 -6.02
C GLN A 322 -8.05 -30.68 -5.72
N VAL A 323 -7.99 -29.35 -5.87
CA VAL A 323 -9.00 -28.43 -5.33
C VAL A 323 -9.17 -27.28 -6.28
N LEU A 324 -10.39 -26.87 -6.56
CA LEU A 324 -10.68 -25.81 -7.49
C LEU A 324 -11.26 -24.62 -6.72
N VAL A 325 -10.58 -23.51 -6.61
CA VAL A 325 -11.17 -22.37 -5.89
C VAL A 325 -11.41 -21.17 -6.77
N GLY A 326 -12.17 -20.18 -6.31
CA GLY A 326 -12.51 -18.97 -7.12
C GLY A 326 -13.32 -17.87 -6.42
N VAL A 327 -13.34 -16.66 -6.95
CA VAL A 327 -14.15 -15.62 -6.34
C VAL A 327 -15.00 -15.11 -7.47
N VAL A 328 -15.97 -14.23 -7.24
CA VAL A 328 -16.56 -13.53 -8.33
C VAL A 328 -15.89 -12.19 -8.41
N LYS A 329 -16.26 -11.44 -9.43
CA LYS A 329 -15.63 -10.17 -9.73
C LYS A 329 -15.81 -9.14 -8.60
N ASP A 330 -17.06 -8.93 -8.14
CA ASP A 330 -17.37 -8.04 -7.01
C ASP A 330 -17.99 -8.73 -5.81
N GLU A 331 -17.10 -9.17 -4.93
CA GLU A 331 -17.54 -9.86 -3.72
C GLU A 331 -18.36 -8.93 -2.79
N GLY A 332 -17.68 -7.84 -2.43
CA GLY A 332 -18.12 -6.82 -1.53
C GLY A 332 -19.50 -6.21 -1.72
N SER A 333 -19.79 -5.71 -2.92
CA SER A 333 -21.03 -4.99 -3.26
C SER A 333 -22.25 -5.56 -2.59
N TYR A 334 -22.61 -6.80 -2.83
CA TYR A 334 -23.87 -7.28 -2.29
C TYR A 334 -24.09 -6.99 -0.81
N PHE A 335 -23.02 -6.98 -0.02
CA PHE A 335 -23.08 -6.90 1.42
C PHE A 335 -23.32 -5.51 1.96
N LEU A 336 -22.87 -4.52 1.21
CA LEU A 336 -23.01 -3.16 1.59
C LEU A 336 -24.47 -2.74 1.72
N VAL A 337 -25.37 -3.27 0.88
CA VAL A 337 -26.75 -2.84 0.98
C VAL A 337 -27.46 -3.31 2.26
N TYR A 338 -26.84 -4.20 3.01
CA TYR A 338 -27.28 -4.53 4.37
C TYR A 338 -26.57 -3.75 5.51
N GLY A 339 -26.21 -2.48 5.34
CA GLY A 339 -25.77 -1.77 6.52
C GLY A 339 -24.59 -0.84 6.39
N ALA A 340 -24.03 -0.69 5.21
CA ALA A 340 -23.07 0.40 5.09
C ALA A 340 -23.89 1.71 4.94
N PRO A 341 -23.55 2.76 5.72
CA PRO A 341 -24.05 4.10 5.58
C PRO A 341 -24.12 4.55 4.14
N GLY A 342 -25.29 4.93 3.65
CA GLY A 342 -25.31 5.54 2.35
C GLY A 342 -25.64 4.66 1.16
N PHE A 343 -25.81 3.35 1.39
CA PHE A 343 -25.96 2.38 0.29
C PHE A 343 -27.35 1.86 0.04
N SER A 344 -27.77 1.79 -1.23
CA SER A 344 -28.97 1.07 -1.60
C SER A 344 -28.93 0.37 -2.93
N LYS A 345 -29.71 -0.70 -3.04
CA LYS A 345 -30.03 -1.27 -4.34
C LYS A 345 -30.69 -0.21 -5.21
N ASP A 346 -31.48 0.64 -4.57
CA ASP A 346 -32.36 1.55 -5.29
C ASP A 346 -31.72 2.86 -5.72
N ASN A 347 -30.69 3.38 -5.04
CA ASN A 347 -29.92 4.44 -5.73
C ASN A 347 -28.56 4.00 -6.32
N GLU A 348 -27.63 4.93 -6.34
CA GLU A 348 -26.36 4.77 -7.03
C GLU A 348 -25.29 4.62 -5.98
N SER A 349 -25.78 4.45 -4.76
CA SER A 349 -24.99 4.37 -3.54
C SER A 349 -23.72 5.13 -3.63
N LEU A 350 -23.81 6.35 -4.13
CA LEU A 350 -22.67 7.25 -4.30
C LEU A 350 -22.17 7.90 -3.05
N ILE A 351 -21.65 7.14 -2.11
CA ILE A 351 -21.24 7.68 -0.83
C ILE A 351 -20.21 8.83 -0.70
N SER A 352 -20.21 9.42 0.49
CA SER A 352 -19.39 10.58 0.85
C SER A 352 -18.18 10.04 1.57
N ARG A 353 -17.13 10.85 1.63
CA ARG A 353 -15.96 10.37 2.35
C ARG A 353 -16.39 10.05 3.74
N ALA A 354 -17.25 10.86 4.31
CA ALA A 354 -17.50 10.69 5.69
C ALA A 354 -18.22 9.36 5.97
N GLU A 355 -19.10 8.97 5.05
CA GLU A 355 -19.83 7.68 5.06
C GLU A 355 -18.88 6.48 4.76
N PHE A 356 -17.83 6.78 4.01
CA PHE A 356 -16.79 5.80 3.72
C PHE A 356 -16.04 5.45 4.98
N LEU A 357 -15.41 6.44 5.63
CA LEU A 357 -14.71 6.14 6.89
C LEU A 357 -15.68 5.45 7.83
N ALA A 358 -16.92 5.92 7.82
CA ALA A 358 -17.92 5.30 8.61
C ALA A 358 -18.09 3.81 8.22
N GLY A 359 -18.25 3.57 6.90
CA GLY A 359 -18.41 2.22 6.31
C GLY A 359 -17.24 1.27 6.59
N VAL A 360 -16.02 1.77 6.64
CA VAL A 360 -14.92 0.90 6.93
C VAL A 360 -15.06 0.25 8.30
N ARG A 361 -15.68 0.92 9.27
CA ARG A 361 -15.71 0.37 10.64
C ARG A 361 -16.78 -0.66 10.74
N VAL A 362 -17.69 -0.67 9.80
CA VAL A 362 -18.73 -1.64 9.93
C VAL A 362 -18.25 -2.80 9.06
N GLY A 363 -17.44 -2.45 8.06
CA GLY A 363 -16.83 -3.44 7.17
C GLY A 363 -15.73 -4.28 7.80
N VAL A 364 -14.88 -3.65 8.60
CA VAL A 364 -13.81 -4.30 9.29
C VAL A 364 -14.10 -4.00 10.72
N PRO A 365 -14.99 -4.78 11.32
CA PRO A 365 -15.43 -4.56 12.67
C PRO A 365 -14.40 -5.01 13.66
N GLN A 366 -14.45 -4.41 14.85
CA GLN A 366 -13.54 -4.70 16.01
C GLN A 366 -12.02 -4.90 15.76
N VAL A 367 -11.34 -3.77 15.66
CA VAL A 367 -10.02 -3.65 15.11
C VAL A 367 -9.65 -2.22 15.57
N SER A 368 -8.39 -1.97 15.94
CA SER A 368 -8.05 -0.65 16.51
C SER A 368 -8.23 0.48 15.53
N ASP A 369 -8.36 1.72 15.99
CA ASP A 369 -8.44 2.84 15.03
C ASP A 369 -7.19 2.86 14.17
N LEU A 370 -6.04 2.44 14.70
CA LEU A 370 -4.86 2.44 13.87
C LEU A 370 -4.92 1.37 12.77
N ALA A 371 -5.42 0.19 13.11
CA ALA A 371 -5.69 -0.78 12.10
C ALA A 371 -6.71 -0.24 11.10
N ALA A 372 -7.73 0.47 11.57
CA ALA A 372 -8.68 1.06 10.62
C ALA A 372 -7.99 2.04 9.74
N GLU A 373 -7.02 2.75 10.26
CA GLU A 373 -6.46 3.82 9.49
C GLU A 373 -5.50 3.35 8.47
N ALA A 374 -4.81 2.27 8.82
CA ALA A 374 -4.17 1.44 7.85
C ALA A 374 -5.16 1.05 6.73
N VAL A 375 -6.28 0.40 7.04
CA VAL A 375 -7.22 0.04 6.00
C VAL A 375 -7.59 1.25 5.16
N VAL A 376 -7.63 2.44 5.74
CA VAL A 376 -8.11 3.57 4.99
C VAL A 376 -7.05 3.96 3.99
N LEU A 377 -5.82 4.05 4.48
CA LEU A 377 -4.63 4.33 3.69
C LEU A 377 -4.56 3.50 2.43
N HIS A 378 -4.67 2.18 2.58
CA HIS A 378 -4.55 1.27 1.45
C HIS A 378 -5.63 1.43 0.47
N TYR A 379 -6.82 1.82 0.93
CA TYR A 379 -7.99 1.84 0.03
C TYR A 379 -8.42 3.20 -0.48
N THR A 380 -7.73 4.26 -0.15
CA THR A 380 -8.15 5.57 -0.57
C THR A 380 -7.37 5.98 -1.79
N ASP A 381 -8.04 6.57 -2.77
CA ASP A 381 -7.22 7.20 -3.77
C ASP A 381 -6.80 8.59 -3.34
N TRP A 382 -5.54 8.87 -3.15
CA TRP A 382 -5.21 10.18 -2.61
C TRP A 382 -5.14 11.32 -3.65
N LEU A 383 -5.37 11.02 -4.91
CA LEU A 383 -5.69 12.14 -5.77
C LEU A 383 -7.16 12.47 -5.67
N HIS A 384 -8.00 11.47 -5.42
CA HIS A 384 -9.42 11.70 -5.35
C HIS A 384 -10.01 11.17 -4.07
N PRO A 385 -9.64 11.76 -2.93
CA PRO A 385 -10.11 11.22 -1.66
C PRO A 385 -11.62 11.40 -1.53
N GLU A 386 -12.15 12.40 -2.26
CA GLU A 386 -13.51 12.88 -2.10
C GLU A 386 -14.47 12.18 -3.05
N ASP A 387 -13.97 11.64 -4.16
CA ASP A 387 -14.81 11.18 -5.28
C ASP A 387 -15.75 10.06 -4.89
N PRO A 388 -17.09 10.26 -4.93
CA PRO A 388 -18.09 9.26 -4.61
C PRO A 388 -17.93 7.88 -5.27
N ALA A 389 -17.90 7.78 -6.60
CA ALA A 389 -17.89 6.44 -7.23
C ALA A 389 -16.68 5.68 -6.72
N ARG A 390 -15.51 6.32 -6.79
CA ARG A 390 -14.32 5.74 -6.24
C ARG A 390 -14.42 5.23 -4.79
N LEU A 391 -14.98 6.02 -3.87
CA LEU A 391 -15.28 5.51 -2.54
C LEU A 391 -16.26 4.34 -2.53
N ARG A 392 -17.24 4.36 -3.42
CA ARG A 392 -18.23 3.29 -3.48
C ARG A 392 -17.51 1.99 -3.85
N GLU A 393 -16.74 2.04 -4.96
CA GLU A 393 -15.85 0.93 -5.35
C GLU A 393 -14.89 0.48 -4.30
N ALA A 394 -14.21 1.45 -3.70
CA ALA A 394 -13.26 1.17 -2.67
C ALA A 394 -13.94 0.43 -1.52
N LEU A 395 -15.09 0.89 -1.06
CA LEU A 395 -15.65 0.23 0.11
C LEU A 395 -16.02 -1.24 -0.24
N SER A 396 -16.50 -1.39 -1.47
CA SER A 396 -16.88 -2.64 -2.02
C SER A 396 -15.66 -3.53 -2.11
N ASP A 397 -14.51 -2.97 -2.47
CA ASP A 397 -13.25 -3.75 -2.35
C ASP A 397 -12.86 -4.08 -0.89
N VAL A 398 -12.88 -3.13 0.04
CA VAL A 398 -12.55 -3.46 1.42
C VAL A 398 -13.34 -4.66 1.93
N VAL A 399 -14.65 -4.59 1.84
CA VAL A 399 -15.46 -5.69 2.34
C VAL A 399 -15.15 -7.01 1.67
N GLY A 400 -14.95 -6.96 0.34
CA GLY A 400 -14.80 -8.14 -0.50
C GLY A 400 -13.44 -8.77 -0.31
N ASP A 401 -12.40 -7.95 -0.39
CA ASP A 401 -11.06 -8.38 -0.08
C ASP A 401 -11.01 -9.14 1.23
N HIS A 402 -11.17 -8.43 2.33
CA HIS A 402 -11.02 -8.91 3.71
C HIS A 402 -11.83 -10.13 4.05
N ASN A 403 -13.07 -10.20 3.60
CA ASN A 403 -13.93 -11.30 3.89
C ASN A 403 -13.85 -12.48 2.96
N VAL A 404 -13.66 -12.24 1.65
CA VAL A 404 -13.63 -13.37 0.67
C VAL A 404 -12.32 -13.66 -0.08
N VAL A 405 -12.05 -12.90 -1.13
CA VAL A 405 -10.78 -13.02 -1.86
C VAL A 405 -9.55 -13.21 -0.95
N CYS A 406 -9.26 -12.30 -0.05
CA CYS A 406 -8.03 -12.49 0.64
C CYS A 406 -7.87 -13.83 1.33
N PRO A 407 -8.86 -14.26 2.13
CA PRO A 407 -9.00 -15.62 2.55
C PRO A 407 -8.81 -16.69 1.51
N VAL A 408 -9.48 -16.58 0.37
CA VAL A 408 -9.42 -17.65 -0.61
C VAL A 408 -8.00 -17.80 -1.11
N ALA A 409 -7.47 -16.70 -1.62
CA ALA A 409 -6.05 -16.54 -1.94
C ALA A 409 -5.14 -17.08 -0.88
N GLN A 410 -5.31 -16.71 0.38
CA GLN A 410 -4.35 -17.24 1.36
C GLN A 410 -4.34 -18.75 1.38
N LEU A 411 -5.51 -19.35 1.55
CA LEU A 411 -5.68 -20.79 1.53
C LEU A 411 -5.02 -21.35 0.26
N ALA A 412 -5.50 -20.89 -0.89
CA ALA A 412 -5.02 -21.44 -2.13
C ALA A 412 -3.48 -21.40 -2.26
N GLY A 413 -2.83 -20.29 -1.86
CA GLY A 413 -1.39 -20.21 -1.78
C GLY A 413 -0.88 -21.38 -0.96
N ARG A 414 -1.09 -21.32 0.35
CA ARG A 414 -0.71 -22.40 1.28
C ARG A 414 -1.09 -23.80 0.80
N LEU A 415 -2.22 -23.99 0.15
CA LEU A 415 -2.50 -25.37 -0.22
C LEU A 415 -1.56 -25.88 -1.30
N ALA A 416 -1.21 -25.03 -2.26
CA ALA A 416 -0.46 -25.49 -3.42
C ALA A 416 0.96 -25.64 -3.00
N ALA A 417 1.48 -24.66 -2.30
CA ALA A 417 2.82 -24.80 -1.81
C ALA A 417 2.96 -25.98 -0.87
N GLN A 418 1.88 -26.65 -0.45
CA GLN A 418 2.04 -27.84 0.44
C GLN A 418 1.42 -29.13 -0.13
N GLY A 419 1.30 -29.21 -1.45
CA GLY A 419 1.21 -30.48 -2.09
C GLY A 419 -0.10 -30.66 -2.76
N ALA A 420 -0.94 -29.68 -2.55
CA ALA A 420 -2.25 -29.70 -3.18
C ALA A 420 -1.98 -29.43 -4.62
N ARG A 421 -2.84 -29.83 -5.53
CA ARG A 421 -2.70 -29.27 -6.84
C ARG A 421 -3.93 -28.35 -7.07
N VAL A 422 -3.74 -27.02 -7.17
CA VAL A 422 -4.84 -26.06 -6.96
C VAL A 422 -5.21 -25.31 -8.22
N TYR A 423 -6.47 -25.10 -8.52
CA TYR A 423 -6.79 -24.35 -9.74
C TYR A 423 -7.75 -23.22 -9.45
N ALA A 424 -7.28 -21.96 -9.57
CA ALA A 424 -8.10 -20.76 -9.30
C ALA A 424 -8.90 -20.15 -10.51
N TYR A 425 -10.02 -19.52 -10.26
CA TYR A 425 -10.79 -18.83 -11.31
C TYR A 425 -11.25 -17.46 -10.77
N VAL A 426 -11.83 -16.61 -11.60
CA VAL A 426 -12.48 -15.41 -11.11
C VAL A 426 -13.66 -15.33 -12.00
N PHE A 427 -14.84 -15.65 -11.52
CA PHE A 427 -16.00 -15.67 -12.38
C PHE A 427 -16.45 -14.23 -12.64
N GLU A 428 -16.25 -13.73 -13.85
CA GLU A 428 -16.64 -12.39 -14.13
C GLU A 428 -17.75 -12.13 -15.13
N HIS A 429 -18.78 -12.96 -15.21
CA HIS A 429 -19.86 -12.64 -16.10
C HIS A 429 -21.11 -12.19 -15.39
N ARG A 430 -21.61 -11.01 -15.77
CA ARG A 430 -22.87 -10.46 -15.17
C ARG A 430 -24.11 -11.04 -15.82
N ALA A 431 -24.76 -12.02 -15.24
CA ALA A 431 -25.97 -12.58 -15.90
C ALA A 431 -26.95 -11.59 -16.53
N SER A 432 -27.32 -11.82 -17.78
CA SER A 432 -28.27 -10.92 -18.43
C SER A 432 -29.57 -10.75 -17.61
N THR A 433 -29.98 -11.73 -16.82
CA THR A 433 -31.20 -11.55 -16.04
C THR A 433 -31.05 -10.82 -14.67
N LEU A 434 -29.82 -10.45 -14.28
CA LEU A 434 -29.57 -9.93 -12.92
C LEU A 434 -30.47 -8.78 -12.55
N SER A 435 -31.19 -8.90 -11.44
CA SER A 435 -32.04 -7.80 -10.99
C SER A 435 -31.34 -6.90 -9.96
N TRP A 436 -30.04 -7.11 -9.69
CA TRP A 436 -29.28 -6.14 -8.87
C TRP A 436 -28.88 -4.97 -9.77
N PRO A 437 -28.72 -3.76 -9.21
CA PRO A 437 -28.28 -2.60 -9.99
C PRO A 437 -26.97 -2.82 -10.63
N LEU A 438 -26.71 -2.04 -11.65
CA LEU A 438 -25.48 -2.21 -12.39
C LEU A 438 -24.26 -1.96 -11.55
N TRP A 439 -24.32 -1.03 -10.58
CA TRP A 439 -23.06 -0.68 -9.84
C TRP A 439 -22.50 -1.88 -9.09
N MET A 440 -23.37 -2.84 -8.77
CA MET A 440 -22.99 -4.00 -7.96
C MET A 440 -22.11 -4.98 -8.72
N GLY A 441 -22.07 -4.87 -10.04
CA GLY A 441 -21.20 -5.71 -10.88
C GLY A 441 -21.67 -7.14 -10.95
N VAL A 442 -20.75 -8.09 -10.80
CA VAL A 442 -21.10 -9.51 -10.60
C VAL A 442 -20.97 -9.67 -9.09
N PRO A 443 -22.11 -9.74 -8.40
CA PRO A 443 -22.09 -9.76 -6.96
C PRO A 443 -22.01 -11.19 -6.38
N HIS A 444 -21.83 -11.28 -5.07
CA HIS A 444 -21.59 -12.55 -4.41
C HIS A 444 -22.72 -13.53 -4.67
N GLY A 445 -22.38 -14.79 -4.92
CA GLY A 445 -23.41 -15.78 -5.20
C GLY A 445 -23.89 -15.91 -6.64
N TYR A 446 -23.55 -14.96 -7.52
CA TYR A 446 -24.17 -14.97 -8.88
C TYR A 446 -23.44 -15.77 -9.98
N GLU A 447 -22.47 -16.59 -9.55
CA GLU A 447 -21.87 -17.60 -10.37
C GLU A 447 -22.69 -18.90 -10.31
N ILE A 448 -23.41 -19.12 -9.23
CA ILE A 448 -24.09 -20.40 -9.06
C ILE A 448 -25.00 -20.79 -10.21
N GLU A 449 -25.90 -19.92 -10.65
CA GLU A 449 -26.91 -20.32 -11.68
C GLU A 449 -26.22 -21.05 -12.81
N PHE A 450 -25.06 -20.47 -13.21
CA PHE A 450 -24.25 -20.94 -14.32
C PHE A 450 -23.65 -22.30 -14.05
N ILE A 451 -22.71 -22.43 -13.12
CA ILE A 451 -22.28 -23.76 -12.64
C ILE A 451 -23.38 -24.80 -12.59
N PHE A 452 -24.55 -24.45 -12.11
CA PHE A 452 -25.61 -25.46 -12.02
C PHE A 452 -26.38 -25.61 -13.31
N GLY A 453 -26.09 -24.72 -14.26
CA GLY A 453 -26.66 -24.79 -15.59
C GLY A 453 -28.11 -24.39 -15.75
N ILE A 454 -28.47 -23.25 -15.23
CA ILE A 454 -29.87 -22.92 -15.11
C ILE A 454 -30.27 -22.23 -16.35
N PRO A 455 -29.31 -21.59 -17.03
CA PRO A 455 -29.70 -21.04 -18.30
C PRO A 455 -30.44 -22.05 -19.23
N LEU A 456 -30.00 -23.33 -19.22
CA LEU A 456 -30.63 -24.38 -20.02
C LEU A 456 -32.11 -24.62 -19.75
N ASP A 457 -32.68 -24.07 -18.69
CA ASP A 457 -34.11 -24.23 -18.48
C ASP A 457 -34.74 -23.28 -19.50
N PRO A 458 -35.61 -23.85 -20.37
CA PRO A 458 -36.53 -23.17 -21.29
C PRO A 458 -37.07 -21.87 -20.71
N SER A 459 -37.89 -21.97 -19.65
CA SER A 459 -38.61 -20.81 -19.09
C SER A 459 -37.76 -19.65 -18.58
N ARG A 460 -36.53 -19.85 -18.14
CA ARG A 460 -35.72 -18.68 -17.78
C ARG A 460 -35.15 -17.94 -19.02
N ASN A 461 -35.62 -16.72 -19.29
CA ASN A 461 -35.20 -15.98 -20.49
C ASN A 461 -33.70 -15.64 -20.47
N TYR A 462 -32.80 -16.60 -20.70
CA TYR A 462 -31.35 -16.31 -20.73
C TYR A 462 -30.85 -16.25 -22.19
N THR A 463 -30.09 -15.22 -22.59
CA THR A 463 -29.43 -15.21 -23.94
C THR A 463 -28.76 -16.53 -24.27
N ALA A 464 -28.95 -16.94 -25.52
CA ALA A 464 -28.50 -18.26 -25.97
C ALA A 464 -26.96 -18.38 -25.99
N GLU A 465 -26.27 -17.24 -25.93
CA GLU A 465 -24.83 -17.33 -25.79
C GLU A 465 -24.36 -17.74 -24.34
N GLU A 466 -25.27 -17.48 -23.38
CA GLU A 466 -25.16 -17.81 -21.96
C GLU A 466 -25.29 -19.29 -21.76
N LYS A 467 -26.21 -19.93 -22.48
CA LYS A 467 -26.34 -21.38 -22.34
C LYS A 467 -25.06 -22.08 -22.75
N ILE A 468 -24.38 -21.52 -23.72
CA ILE A 468 -23.12 -22.10 -24.11
C ILE A 468 -22.18 -21.96 -22.94
N PHE A 469 -22.19 -20.78 -22.32
CA PHE A 469 -21.32 -20.49 -21.18
C PHE A 469 -21.56 -21.51 -20.08
N ALA A 470 -22.85 -21.67 -19.76
CA ALA A 470 -23.26 -22.58 -18.73
C ALA A 470 -22.57 -23.94 -18.97
N GLN A 471 -23.01 -24.62 -20.06
CA GLN A 471 -22.47 -25.88 -20.57
C GLN A 471 -20.96 -25.94 -20.43
N ARG A 472 -20.34 -24.86 -20.89
CA ARG A 472 -18.93 -24.78 -20.85
C ARG A 472 -18.45 -25.04 -19.44
N LEU A 473 -19.08 -24.32 -18.50
CA LEU A 473 -18.68 -24.36 -17.07
C LEU A 473 -18.90 -25.70 -16.38
N MET A 474 -20.09 -26.28 -16.59
CA MET A 474 -20.39 -27.60 -16.09
C MET A 474 -19.32 -28.57 -16.49
N ARG A 475 -18.88 -28.46 -17.76
CA ARG A 475 -17.66 -29.16 -18.19
C ARG A 475 -16.42 -28.89 -17.31
N TYR A 476 -16.04 -27.65 -17.04
CA TYR A 476 -14.80 -27.60 -16.23
C TYR A 476 -15.02 -28.27 -14.90
N TRP A 477 -16.27 -28.17 -14.41
CA TRP A 477 -16.65 -28.64 -13.08
C TRP A 477 -16.69 -30.17 -13.05
N ALA A 478 -17.52 -30.77 -13.91
CA ALA A 478 -17.49 -32.25 -14.12
C ALA A 478 -16.08 -32.81 -14.42
N ASN A 479 -15.37 -32.20 -15.38
CA ASN A 479 -13.99 -32.55 -15.58
C ASN A 479 -13.26 -32.55 -14.25
N PHE A 480 -13.42 -31.51 -13.42
CA PHE A 480 -12.56 -31.42 -12.19
C PHE A 480 -12.98 -32.51 -11.22
N ALA A 481 -14.29 -32.76 -11.28
CA ALA A 481 -14.92 -33.82 -10.53
C ALA A 481 -14.24 -35.13 -10.86
N ARG A 482 -14.23 -35.53 -12.16
CA ARG A 482 -13.60 -36.80 -12.66
C ARG A 482 -12.12 -36.88 -12.35
N THR A 483 -11.31 -35.92 -12.82
CA THR A 483 -9.85 -36.09 -12.99
C THR A 483 -8.95 -35.35 -11.98
N GLY A 484 -9.47 -34.31 -11.34
CA GLY A 484 -8.64 -33.48 -10.44
C GLY A 484 -8.01 -32.38 -11.30
N ASP A 485 -8.76 -31.97 -12.34
CA ASP A 485 -8.20 -31.09 -13.37
C ASP A 485 -9.29 -30.68 -14.37
N PRO A 486 -9.45 -29.36 -14.55
CA PRO A 486 -10.67 -28.94 -15.21
C PRO A 486 -10.67 -29.05 -16.69
N ASN A 487 -9.52 -29.17 -17.37
CA ASN A 487 -9.50 -28.90 -18.84
C ASN A 487 -9.54 -30.21 -19.61
N GLU A 488 -10.11 -30.24 -20.83
CA GLU A 488 -10.24 -31.52 -21.59
C GLU A 488 -8.89 -32.19 -21.75
N PRO A 489 -8.78 -33.47 -21.39
CA PRO A 489 -7.36 -33.94 -21.24
C PRO A 489 -6.73 -34.23 -22.63
N ARG A 490 -7.63 -34.58 -23.56
CA ARG A 490 -7.37 -35.00 -24.94
C ARG A 490 -7.54 -33.79 -25.80
N ASP A 491 -6.59 -32.87 -25.76
CA ASP A 491 -6.77 -31.58 -26.42
C ASP A 491 -5.65 -30.61 -26.03
N PRO A 492 -4.37 -30.88 -26.45
CA PRO A 492 -3.38 -29.74 -26.33
C PRO A 492 -3.95 -28.38 -26.90
N LYS A 493 -4.79 -28.52 -27.97
CA LYS A 493 -5.47 -27.49 -28.81
C LYS A 493 -6.17 -26.31 -28.06
N ALA A 494 -6.89 -26.61 -26.96
CA ALA A 494 -7.77 -25.60 -26.28
C ALA A 494 -7.14 -24.79 -25.09
N PRO A 495 -7.71 -23.56 -24.80
CA PRO A 495 -7.18 -22.65 -23.74
C PRO A 495 -6.83 -23.39 -22.45
N GLN A 496 -5.56 -23.34 -22.07
CA GLN A 496 -5.15 -24.07 -20.88
C GLN A 496 -5.69 -23.37 -19.61
N TRP A 497 -6.08 -24.12 -18.58
CA TRP A 497 -6.24 -23.54 -17.26
C TRP A 497 -5.08 -24.05 -16.46
N PRO A 498 -4.16 -23.20 -16.16
CA PRO A 498 -3.03 -23.69 -15.37
C PRO A 498 -3.31 -23.81 -13.92
N PRO A 499 -2.49 -24.59 -13.25
CA PRO A 499 -2.37 -24.57 -11.81
C PRO A 499 -2.08 -23.20 -11.17
N TYR A 500 -2.87 -22.84 -10.17
CA TYR A 500 -2.46 -21.78 -9.28
C TYR A 500 -1.33 -22.33 -8.37
N THR A 501 -0.54 -21.43 -7.80
CA THR A 501 0.87 -21.65 -7.47
C THR A 501 1.36 -20.47 -6.65
N ALA A 502 1.95 -20.74 -5.49
CA ALA A 502 2.31 -19.65 -4.55
C ALA A 502 3.01 -18.46 -5.23
N GLY A 503 4.07 -18.70 -6.04
CA GLY A 503 4.75 -17.63 -6.81
C GLY A 503 4.12 -17.19 -8.15
N ALA A 504 3.62 -18.09 -8.96
CA ALA A 504 3.20 -17.68 -10.30
C ALA A 504 1.81 -17.06 -10.25
N GLN A 505 1.00 -17.53 -9.28
CA GLN A 505 -0.36 -17.11 -9.02
C GLN A 505 -1.28 -17.01 -10.19
N GLN A 506 -1.53 -18.08 -10.91
CA GLN A 506 -2.40 -17.88 -12.04
C GLN A 506 -3.83 -18.40 -11.96
N TYR A 507 -4.75 -17.70 -12.58
CA TYR A 507 -6.13 -18.07 -12.51
C TYR A 507 -6.72 -17.74 -13.82
N VAL A 508 -7.76 -18.43 -14.19
CA VAL A 508 -8.39 -18.06 -15.44
C VAL A 508 -9.40 -17.01 -15.15
N SER A 509 -9.97 -16.42 -16.19
CA SER A 509 -11.13 -15.66 -15.99
C SER A 509 -12.30 -16.45 -16.56
N LEU A 510 -13.45 -16.53 -15.90
CA LEU A 510 -14.52 -17.19 -16.60
C LEU A 510 -15.53 -16.13 -17.01
N ASP A 511 -15.70 -15.90 -18.31
CA ASP A 511 -16.86 -15.10 -18.81
C ASP A 511 -17.12 -15.62 -20.17
N LEU A 512 -17.79 -14.80 -20.97
CA LEU A 512 -18.19 -15.24 -22.30
C LEU A 512 -16.98 -15.41 -23.26
N ARG A 513 -15.95 -14.54 -23.21
CA ARG A 513 -14.67 -14.79 -23.95
C ARG A 513 -14.04 -16.17 -23.64
N PRO A 514 -13.29 -16.77 -24.59
CA PRO A 514 -12.46 -17.95 -24.21
C PRO A 514 -11.53 -17.66 -23.03
N LEU A 515 -11.20 -18.67 -22.24
CA LEU A 515 -10.42 -18.43 -20.99
C LEU A 515 -9.27 -17.44 -21.12
N GLU A 516 -9.16 -16.40 -20.30
CA GLU A 516 -7.91 -15.64 -20.23
C GLU A 516 -6.97 -16.14 -19.13
N VAL A 517 -5.71 -15.84 -19.09
CA VAL A 517 -5.00 -16.29 -17.91
C VAL A 517 -4.48 -15.04 -17.29
N ARG A 518 -4.99 -14.66 -16.10
CA ARG A 518 -4.35 -13.53 -15.39
C ARG A 518 -3.48 -14.01 -14.31
N ARG A 519 -2.68 -13.14 -13.77
CA ARG A 519 -1.83 -13.63 -12.72
C ARG A 519 -1.94 -12.68 -11.54
N GLY A 520 -1.92 -13.21 -10.30
CA GLY A 520 -2.10 -12.39 -9.10
C GLY A 520 -3.59 -12.18 -8.83
N LEU A 521 -4.02 -12.72 -7.69
CA LEU A 521 -5.43 -12.71 -7.30
C LEU A 521 -5.55 -11.63 -6.25
N ARG A 522 -5.83 -10.41 -6.70
CA ARG A 522 -5.66 -9.24 -5.86
C ARG A 522 -4.41 -9.34 -4.95
N ALA A 523 -3.28 -9.47 -5.58
CA ALA A 523 -2.03 -9.69 -4.88
C ALA A 523 -1.55 -8.67 -3.85
N GLN A 524 -1.76 -7.40 -4.16
CA GLN A 524 -1.15 -6.30 -3.40
C GLN A 524 -1.95 -6.05 -2.12
N ALA A 525 -3.27 -6.26 -2.26
CA ALA A 525 -4.26 -6.12 -1.20
C ALA A 525 -4.05 -7.28 -0.29
N CYS A 526 -4.03 -8.47 -0.86
CA CYS A 526 -3.95 -9.64 -0.06
C CYS A 526 -2.67 -9.68 0.73
N ALA A 527 -1.66 -8.93 0.29
CA ALA A 527 -0.46 -8.82 1.13
C ALA A 527 -0.74 -8.00 2.37
N PHE A 528 -1.65 -7.04 2.22
CA PHE A 528 -2.06 -6.21 3.35
C PHE A 528 -2.87 -7.04 4.32
N TRP A 529 -3.89 -7.71 3.82
CA TRP A 529 -4.79 -8.38 4.71
C TRP A 529 -4.13 -9.52 5.40
N ASN A 530 -3.47 -10.41 4.63
CA ASN A 530 -2.89 -11.65 5.17
C ASN A 530 -1.48 -11.48 5.80
N ARG A 531 -0.65 -10.55 5.37
CA ARG A 531 0.70 -10.53 5.96
C ARG A 531 0.82 -9.35 6.87
N PHE A 532 0.36 -8.19 6.44
CA PHE A 532 0.71 -7.01 7.23
C PHE A 532 -0.17 -6.80 8.46
N LEU A 533 -1.48 -6.75 8.23
CA LEU A 533 -2.49 -6.40 9.24
C LEU A 533 -2.44 -7.24 10.51
N PRO A 534 -2.24 -8.57 10.37
CA PRO A 534 -2.07 -9.41 11.54
C PRO A 534 -0.95 -8.90 12.38
N LYS A 535 0.19 -8.54 11.79
CA LYS A 535 1.28 -7.98 12.63
C LYS A 535 0.87 -6.69 13.28
N LEU A 536 0.10 -5.87 12.58
CA LEU A 536 -0.24 -4.57 13.13
C LEU A 536 -1.11 -4.85 14.32
N LEU A 537 -2.12 -5.69 14.09
CA LEU A 537 -3.19 -5.97 15.05
C LEU A 537 -2.59 -6.51 16.31
N SER A 538 -1.62 -7.41 16.17
CA SER A 538 -1.07 -8.03 17.35
C SER A 538 0.20 -7.41 17.93
N ALA A 539 0.49 -6.16 17.59
CA ALA A 539 1.52 -5.40 18.31
C ALA A 539 0.98 -4.07 18.86
N THR A 540 -0.34 -3.84 18.71
CA THR A 540 -0.98 -2.59 19.19
C THR A 540 -2.16 -2.74 20.17
N ASP B 2 38.86 48.55 -14.04
CA ASP B 2 38.22 49.04 -15.30
C ASP B 2 36.93 49.74 -14.98
N ALA B 3 36.94 50.54 -13.90
CA ALA B 3 35.72 51.04 -13.18
C ALA B 3 34.75 49.84 -12.87
N GLU B 4 34.31 49.15 -13.95
CA GLU B 4 33.61 47.83 -13.92
C GLU B 4 34.18 46.80 -12.94
N LEU B 5 35.51 46.76 -12.77
CA LEU B 5 36.14 45.75 -11.94
C LEU B 5 36.75 46.27 -10.66
N LEU B 6 36.66 47.56 -10.38
CA LEU B 6 36.91 47.98 -9.00
C LEU B 6 35.58 48.40 -8.40
N VAL B 7 35.38 48.08 -7.12
CA VAL B 7 34.11 48.36 -6.45
C VAL B 7 34.41 48.67 -5.00
N THR B 8 33.44 49.29 -4.33
CA THR B 8 33.59 49.57 -2.91
C THR B 8 32.38 49.01 -2.14
N VAL B 9 32.70 48.33 -1.05
CA VAL B 9 31.81 47.56 -0.27
C VAL B 9 32.01 48.18 1.08
N ARG B 10 31.04 48.09 1.98
CA ARG B 10 31.19 48.77 3.28
C ARG B 10 32.50 48.46 4.05
N GLY B 11 33.28 47.51 3.56
CA GLY B 11 34.50 47.15 4.25
C GLY B 11 35.86 47.39 3.57
N GLY B 12 35.87 47.92 2.35
CA GLY B 12 37.12 48.12 1.61
C GLY B 12 36.89 48.04 0.11
N ARG B 13 37.98 48.19 -0.64
CA ARG B 13 37.93 48.20 -2.11
C ARG B 13 38.03 46.75 -2.60
N LEU B 14 37.66 46.51 -3.85
CA LEU B 14 37.75 45.15 -4.44
C LEU B 14 38.14 45.14 -5.90
N ARG B 15 39.18 44.38 -6.24
CA ARG B 15 39.54 44.23 -7.63
C ARG B 15 38.94 42.95 -8.19
N GLY B 16 37.91 43.11 -9.02
CA GLY B 16 37.26 42.00 -9.71
C GLY B 16 38.04 41.48 -10.89
N ILE B 17 37.42 40.58 -11.66
CA ILE B 17 38.02 39.87 -12.82
C ILE B 17 36.96 39.62 -13.89
N ARG B 18 37.21 40.06 -15.10
CA ARG B 18 36.23 39.98 -16.18
C ARG B 18 36.14 38.54 -16.63
N LEU B 19 34.98 38.13 -17.19
CA LEU B 19 34.74 36.71 -17.56
C LEU B 19 33.95 36.42 -18.82
N LYS B 20 34.24 35.24 -19.35
CA LYS B 20 34.23 34.97 -20.77
C LYS B 20 33.01 34.13 -21.20
N THR B 21 32.11 34.68 -22.00
CA THR B 21 30.93 33.90 -22.35
C THR B 21 30.65 33.85 -23.81
N PRO B 22 30.52 32.62 -24.34
CA PRO B 22 30.00 32.39 -25.69
C PRO B 22 28.85 33.32 -26.15
N GLY B 23 28.27 34.14 -25.28
CA GLY B 23 27.26 35.10 -25.72
C GLY B 23 27.47 36.57 -25.35
N GLY B 24 28.31 36.83 -24.35
CA GLY B 24 28.49 38.18 -23.77
C GLY B 24 29.71 38.11 -22.87
N PRO B 25 29.92 39.13 -22.03
CA PRO B 25 30.89 38.99 -20.90
C PRO B 25 30.24 39.22 -19.51
N VAL B 26 30.97 38.98 -18.41
CA VAL B 26 30.44 39.25 -17.06
C VAL B 26 31.50 39.72 -16.07
N SER B 27 31.19 40.67 -15.19
CA SER B 27 32.15 41.03 -14.14
C SER B 27 31.93 40.01 -13.01
N ALA B 28 32.99 39.48 -12.38
CA ALA B 28 32.84 38.53 -11.25
C ALA B 28 33.73 38.87 -10.08
N PHE B 29 33.27 38.72 -8.86
CA PHE B 29 34.17 39.02 -7.73
C PHE B 29 34.26 37.87 -6.75
N LEU B 30 35.32 37.08 -6.88
CA LEU B 30 35.41 35.83 -6.16
C LEU B 30 36.17 35.96 -4.83
N GLY B 31 35.67 35.32 -3.80
CA GLY B 31 36.43 35.28 -2.58
C GLY B 31 36.38 36.54 -1.77
N ILE B 32 35.26 37.23 -1.81
CA ILE B 32 35.06 38.35 -0.91
C ILE B 32 34.91 37.89 0.54
N PRO B 33 35.82 38.30 1.41
CA PRO B 33 35.68 37.95 2.80
C PRO B 33 34.48 38.57 3.49
N PHE B 34 33.60 37.74 4.01
CA PHE B 34 32.51 38.27 4.78
C PHE B 34 32.56 37.92 6.22
N ALA B 35 33.56 37.15 6.64
CA ALA B 35 33.70 36.91 8.07
C ALA B 35 35.15 36.76 8.49
N GLU B 36 35.40 37.08 9.76
CA GLU B 36 36.69 36.90 10.40
C GLU B 36 36.92 35.41 10.50
N PRO B 37 38.06 34.89 9.98
CA PRO B 37 38.25 33.44 9.92
C PRO B 37 37.88 32.71 11.27
N PRO B 38 37.05 31.66 11.18
CA PRO B 38 36.50 30.94 12.33
C PRO B 38 37.49 29.89 12.88
N MET B 39 38.44 30.34 13.72
CA MET B 39 39.67 29.54 13.96
C MET B 39 40.21 29.44 15.37
N GLY B 40 40.84 28.32 15.67
CA GLY B 40 41.41 28.18 17.00
C GLY B 40 40.35 28.31 18.06
N PRO B 41 40.23 29.53 18.68
CA PRO B 41 39.19 29.64 19.74
C PRO B 41 37.78 29.89 19.16
N ARG B 42 37.73 30.34 17.91
CA ARG B 42 36.49 30.75 17.24
C ARG B 42 35.91 29.61 16.42
N ARG B 43 36.44 28.42 16.58
CA ARG B 43 35.89 27.30 15.86
C ARG B 43 34.70 26.79 16.66
N PHE B 44 33.58 26.50 15.96
CA PHE B 44 32.32 26.02 16.58
C PHE B 44 31.43 27.14 17.06
N LEU B 45 31.90 28.38 16.88
CA LEU B 45 31.23 29.56 17.32
C LEU B 45 30.53 30.22 16.15
N PRO B 46 29.60 31.16 16.42
CA PRO B 46 28.98 31.94 15.33
C PRO B 46 30.02 32.75 14.54
N PRO B 47 29.69 33.20 13.31
CA PRO B 47 30.64 34.02 12.58
C PRO B 47 30.70 35.39 13.21
N GLU B 48 31.81 36.11 13.04
CA GLU B 48 31.86 37.56 13.33
C GLU B 48 31.99 38.29 11.99
N PRO B 49 31.40 39.50 11.90
CA PRO B 49 31.40 40.12 10.56
C PRO B 49 32.83 40.50 10.16
N LYS B 50 33.16 40.39 8.88
CA LYS B 50 34.50 40.74 8.41
C LYS B 50 34.89 42.16 8.73
N GLN B 51 35.85 42.35 9.65
CA GLN B 51 36.49 43.66 9.98
C GLN B 51 36.93 44.45 8.74
N PRO B 52 36.84 45.80 8.77
CA PRO B 52 37.10 46.53 7.51
C PRO B 52 38.56 46.42 7.11
N TRP B 53 38.94 46.82 5.91
CA TRP B 53 40.31 46.54 5.42
C TRP B 53 40.99 47.61 4.51
N SER B 54 42.27 47.90 4.79
CA SER B 54 43.11 48.82 4.00
C SER B 54 43.38 48.33 2.62
N GLY B 55 43.55 49.27 1.71
CA GLY B 55 43.93 48.90 0.35
C GLY B 55 42.88 48.05 -0.33
N VAL B 56 43.26 47.48 -1.48
CA VAL B 56 42.32 46.73 -2.32
C VAL B 56 42.51 45.21 -2.27
N VAL B 57 41.36 44.52 -2.11
CA VAL B 57 41.32 43.08 -1.91
C VAL B 57 41.26 42.47 -3.26
N ASP B 58 42.04 41.41 -3.40
CA ASP B 58 42.10 40.68 -4.62
C ASP B 58 40.78 39.91 -4.72
N ALA B 59 40.15 39.80 -5.87
CA ALA B 59 38.89 39.07 -5.89
C ALA B 59 38.79 38.35 -7.17
N THR B 60 39.93 37.81 -7.56
CA THR B 60 40.11 37.36 -8.92
C THR B 60 39.93 35.85 -8.96
N THR B 61 39.85 35.28 -7.78
CA THR B 61 40.11 33.90 -7.65
C THR B 61 39.32 33.24 -6.51
N PHE B 62 38.71 32.07 -6.79
CA PHE B 62 37.97 31.35 -5.74
C PHE B 62 38.85 31.06 -4.56
N GLN B 63 38.36 31.43 -3.37
CA GLN B 63 39.00 31.14 -2.08
C GLN B 63 38.93 29.68 -1.62
N SER B 64 39.59 29.40 -0.50
CA SER B 64 39.63 28.02 0.01
C SER B 64 38.29 27.49 0.51
N VAL B 65 38.04 26.23 0.14
CA VAL B 65 36.94 25.36 0.55
C VAL B 65 36.90 24.97 2.06
N CYS B 66 35.71 24.79 2.59
CA CYS B 66 35.59 24.56 4.01
C CYS B 66 35.97 23.17 4.39
N TYR B 67 36.53 23.02 5.57
CA TYR B 67 37.14 21.75 5.91
C TYR B 67 36.16 20.59 5.91
N GLN B 68 36.38 19.62 5.04
CA GLN B 68 35.35 18.65 4.86
C GLN B 68 35.78 17.29 4.31
N TYR B 69 35.16 16.22 4.78
CA TYR B 69 35.34 14.88 4.19
C TYR B 69 35.48 14.97 2.66
N VAL B 70 36.32 14.12 2.08
CA VAL B 70 36.47 14.07 0.61
C VAL B 70 36.23 12.68 0.05
N ASP B 71 35.49 12.59 -1.07
CA ASP B 71 34.93 11.31 -1.53
C ASP B 71 35.83 10.32 -2.26
N THR B 72 36.49 9.55 -1.39
CA THR B 72 37.55 8.59 -1.68
C THR B 72 36.91 7.32 -2.14
N LEU B 73 35.74 7.39 -2.79
CA LEU B 73 35.03 6.16 -3.02
C LEU B 73 35.34 5.57 -4.32
N TYR B 74 35.32 6.40 -5.32
CA TYR B 74 35.57 5.91 -6.65
C TYR B 74 36.66 6.73 -7.37
N PRO B 75 37.92 6.72 -6.82
CA PRO B 75 38.85 7.84 -7.06
C PRO B 75 38.92 8.19 -8.55
N GLY B 76 38.87 9.50 -8.83
CA GLY B 76 38.79 10.01 -10.19
C GLY B 76 37.63 9.61 -11.09
N PHE B 77 36.42 9.42 -10.59
CA PHE B 77 35.28 9.24 -11.50
C PHE B 77 34.65 10.61 -11.76
N GLU B 78 34.21 10.91 -13.01
CA GLU B 78 33.61 12.29 -13.33
C GLU B 78 32.60 12.67 -12.25
N GLY B 79 31.40 12.03 -12.35
CA GLY B 79 30.34 12.03 -11.33
C GLY B 79 30.59 11.96 -9.82
N THR B 80 31.62 11.26 -9.34
CA THR B 80 31.95 11.40 -7.94
C THR B 80 32.70 12.66 -7.70
N GLU B 81 33.67 12.91 -8.57
CA GLU B 81 34.72 13.89 -8.30
C GLU B 81 34.18 15.27 -8.57
N MET B 82 33.21 15.33 -9.47
CA MET B 82 32.55 16.58 -9.74
C MET B 82 32.22 17.36 -8.42
N TRP B 83 31.80 16.66 -7.36
CA TRP B 83 31.34 17.35 -6.16
C TRP B 83 32.42 17.59 -5.16
N ASN B 84 33.58 16.95 -5.34
CA ASN B 84 34.65 17.10 -4.34
C ASN B 84 35.24 18.47 -4.43
N PRO B 85 35.84 18.91 -3.30
CA PRO B 85 36.50 20.20 -3.14
C PRO B 85 37.49 20.44 -4.26
N ASN B 86 37.65 21.67 -4.69
CA ASN B 86 38.68 21.97 -5.66
C ASN B 86 39.47 23.24 -5.29
N ARG B 87 39.83 23.40 -4.02
CA ARG B 87 40.82 24.38 -3.62
C ARG B 87 41.41 23.88 -2.34
N GLU B 88 42.46 24.50 -1.83
CA GLU B 88 42.93 24.23 -0.44
C GLU B 88 41.74 23.92 0.46
N LEU B 89 41.83 22.94 1.34
CA LEU B 89 40.88 22.99 2.47
C LEU B 89 41.40 23.86 3.60
N SER B 90 40.66 24.89 3.97
CA SER B 90 40.98 25.62 5.16
C SER B 90 39.79 25.72 6.09
N GLU B 91 40.04 25.97 7.37
CA GLU B 91 38.99 26.34 8.28
C GLU B 91 38.72 27.82 8.03
N ASP B 92 39.70 28.50 7.44
CA ASP B 92 39.49 29.87 6.95
C ASP B 92 38.82 29.86 5.56
N CYS B 93 37.49 29.81 5.54
CA CYS B 93 36.78 29.47 4.32
C CYS B 93 35.57 30.35 3.99
N LEU B 94 35.42 31.41 4.79
CA LEU B 94 34.21 32.21 4.82
C LEU B 94 34.32 33.40 3.91
N TYR B 95 34.01 33.16 2.64
CA TYR B 95 34.17 34.08 1.53
C TYR B 95 32.94 33.89 0.72
N LEU B 96 32.59 34.84 -0.15
CA LEU B 96 31.47 34.69 -1.07
C LEU B 96 31.85 35.25 -2.43
N ASN B 97 31.02 35.01 -3.42
CA ASN B 97 31.31 35.42 -4.78
C ASN B 97 30.11 36.08 -5.43
N VAL B 98 30.38 37.20 -6.12
CA VAL B 98 29.35 37.93 -6.86
C VAL B 98 29.58 37.87 -8.35
N TRP B 99 28.53 37.60 -9.10
CA TRP B 99 28.56 37.75 -10.52
C TRP B 99 27.48 38.77 -10.87
N THR B 100 27.88 39.78 -11.65
CA THR B 100 27.03 40.89 -12.13
C THR B 100 27.31 41.12 -13.63
N PRO B 101 26.33 41.61 -14.41
CA PRO B 101 26.52 41.57 -15.89
C PRO B 101 27.45 42.68 -16.50
N TYR B 102 27.83 42.58 -17.78
CA TYR B 102 28.62 43.66 -18.40
C TYR B 102 27.78 44.39 -19.44
N PRO B 103 27.60 45.71 -19.25
CA PRO B 103 28.12 46.46 -18.08
C PRO B 103 27.17 46.43 -16.89
N ARG B 104 27.73 46.70 -15.71
CA ARG B 104 26.93 46.86 -14.51
C ARG B 104 25.65 47.59 -14.93
N PRO B 105 24.44 47.03 -14.63
CA PRO B 105 23.28 47.73 -15.20
C PRO B 105 22.78 48.85 -14.28
N THR B 106 21.95 49.71 -14.84
CA THR B 106 21.82 51.07 -14.35
C THR B 106 20.73 51.21 -13.29
N SER B 107 19.64 50.44 -13.47
CA SER B 107 18.56 50.39 -12.47
C SER B 107 18.50 49.04 -11.69
N PRO B 108 18.14 49.11 -10.37
CA PRO B 108 18.21 47.97 -9.43
C PRO B 108 17.64 46.67 -10.01
N THR B 109 18.53 45.70 -10.23
CA THR B 109 18.16 44.39 -10.78
C THR B 109 18.12 43.27 -9.69
N PRO B 110 17.27 42.20 -9.90
CA PRO B 110 17.00 41.15 -8.92
C PRO B 110 18.18 40.22 -8.70
N VAL B 111 18.36 39.75 -7.46
CA VAL B 111 19.49 38.90 -7.07
C VAL B 111 19.15 37.46 -6.72
N LEU B 112 19.84 36.52 -7.36
CA LEU B 112 19.75 35.10 -7.03
C LEU B 112 20.90 34.74 -6.13
N VAL B 113 20.60 34.20 -4.94
CA VAL B 113 21.64 33.76 -4.04
C VAL B 113 21.56 32.29 -3.93
N TRP B 114 22.69 31.64 -4.18
CA TRP B 114 22.77 30.20 -4.24
C TRP B 114 23.39 29.58 -3.02
N ILE B 115 22.65 28.73 -2.31
CA ILE B 115 23.23 27.92 -1.22
C ILE B 115 23.56 26.52 -1.75
N TYR B 116 24.79 26.04 -1.57
CA TYR B 116 25.18 24.73 -2.16
C TYR B 116 24.79 23.51 -1.36
N GLY B 117 24.84 22.36 -2.03
CA GLY B 117 24.44 21.08 -1.48
C GLY B 117 25.33 20.13 -0.64
N GLY B 118 25.02 18.83 -0.81
CA GLY B 118 25.63 17.68 -0.07
C GLY B 118 25.65 17.62 1.46
N GLY B 119 24.51 17.16 2.00
CA GLY B 119 24.22 16.90 3.41
C GLY B 119 24.85 17.68 4.56
N PHE B 120 25.14 18.97 4.40
CA PHE B 120 25.77 19.65 5.52
C PHE B 120 27.16 19.10 5.89
N TYR B 121 27.66 18.12 5.15
CA TYR B 121 28.98 17.58 5.46
C TYR B 121 30.10 18.02 4.48
N SER B 122 29.73 18.69 3.39
CA SER B 122 30.58 18.86 2.22
C SER B 122 30.02 19.98 1.34
N GLY B 123 30.66 20.26 0.20
CA GLY B 123 30.23 21.31 -0.75
C GLY B 123 31.10 22.59 -0.72
N ALA B 124 31.14 23.29 -1.85
CA ALA B 124 31.77 24.59 -1.89
C ALA B 124 31.24 25.37 -3.08
N SER B 125 31.37 26.69 -2.96
CA SER B 125 30.75 27.62 -3.85
C SER B 125 31.53 27.73 -5.13
N SER B 126 32.75 27.18 -5.08
CA SER B 126 33.70 27.10 -6.18
C SER B 126 33.60 25.96 -7.18
N LEU B 127 32.83 24.93 -6.92
CA LEU B 127 32.79 23.83 -7.89
C LEU B 127 32.38 24.30 -9.26
N ASP B 128 32.78 23.54 -10.28
CA ASP B 128 32.60 24.00 -11.65
C ASP B 128 31.10 24.17 -11.88
N VAL B 129 30.28 23.33 -11.25
CA VAL B 129 28.91 23.28 -11.70
C VAL B 129 28.12 24.50 -11.25
N TYR B 130 28.65 25.20 -10.25
CA TYR B 130 28.00 26.41 -9.75
C TYR B 130 28.59 27.68 -10.35
N ASP B 131 28.75 27.74 -11.66
CA ASP B 131 29.33 28.90 -12.37
C ASP B 131 28.29 29.94 -12.81
N GLY B 132 28.42 31.11 -12.17
CA GLY B 132 27.56 32.29 -12.37
C GLY B 132 27.45 32.75 -13.81
N ARG B 133 28.59 33.08 -14.43
CA ARG B 133 28.62 33.58 -15.81
C ARG B 133 27.37 33.27 -16.63
N PHE B 134 27.14 32.02 -16.97
CA PHE B 134 26.10 31.72 -17.93
C PHE B 134 24.74 32.23 -17.55
N LEU B 135 24.47 32.15 -16.26
CA LEU B 135 23.19 32.55 -15.78
C LEU B 135 23.10 34.09 -15.68
N VAL B 136 24.09 34.72 -15.05
CA VAL B 136 24.13 36.18 -14.99
C VAL B 136 24.03 36.75 -16.40
N GLN B 137 24.90 36.29 -17.32
CA GLN B 137 24.86 36.81 -18.71
C GLN B 137 23.51 36.60 -19.34
N ALA B 138 23.04 35.36 -19.52
CA ALA B 138 21.88 35.09 -20.37
C ALA B 138 20.57 35.76 -19.92
N GLU B 139 20.54 36.22 -18.65
CA GLU B 139 19.31 36.68 -17.98
C GLU B 139 19.37 37.98 -17.16
N ARG B 140 20.54 38.61 -17.17
CA ARG B 140 20.89 39.77 -16.32
C ARG B 140 20.23 39.89 -14.97
N THR B 141 20.87 39.26 -14.00
CA THR B 141 20.43 39.21 -12.61
C THR B 141 21.76 39.13 -11.90
N VAL B 142 21.97 39.89 -10.83
CA VAL B 142 23.10 39.61 -9.95
C VAL B 142 22.93 38.21 -9.36
N LEU B 143 24.04 37.51 -9.15
CA LEU B 143 24.03 36.16 -8.59
C LEU B 143 25.10 36.10 -7.50
N VAL B 144 24.73 35.63 -6.32
CA VAL B 144 25.74 35.45 -5.29
C VAL B 144 25.71 34.01 -4.88
N SER B 145 26.88 33.44 -4.63
CA SER B 145 26.99 32.16 -3.94
C SER B 145 27.94 32.36 -2.80
N MET B 146 27.88 31.53 -1.79
CA MET B 146 28.73 31.73 -0.61
C MET B 146 29.13 30.40 -0.01
N ASN B 147 30.08 30.44 0.91
CA ASN B 147 30.62 29.24 1.48
C ASN B 147 30.19 29.24 2.92
N TYR B 148 29.71 28.11 3.44
CA TYR B 148 29.41 28.06 4.90
C TYR B 148 30.05 26.80 5.49
N ARG B 149 30.42 26.86 6.76
CA ARG B 149 31.00 25.75 7.45
C ARG B 149 30.15 24.47 7.40
N VAL B 150 30.69 23.34 6.89
CA VAL B 150 29.97 22.07 6.93
C VAL B 150 30.57 21.15 8.02
N GLY B 151 29.94 19.96 8.17
CA GLY B 151 30.27 18.94 9.18
C GLY B 151 30.57 19.52 10.52
N ALA B 152 31.37 18.88 11.34
CA ALA B 152 31.33 19.35 12.74
C ALA B 152 31.67 20.86 12.95
N PHE B 153 32.31 21.47 11.97
CA PHE B 153 32.79 22.83 12.11
C PHE B 153 31.73 23.87 11.94
N GLY B 154 30.69 23.45 11.20
CA GLY B 154 29.48 24.18 10.97
C GLY B 154 28.33 23.72 11.83
N PHE B 155 28.35 22.47 12.26
CA PHE B 155 27.11 21.94 12.82
C PHE B 155 27.15 21.24 14.13
N LEU B 156 28.32 21.07 14.72
CA LEU B 156 28.46 20.32 15.97
C LEU B 156 27.77 21.08 17.06
N ALA B 157 26.95 20.42 17.85
CA ALA B 157 26.40 21.23 18.91
C ALA B 157 26.28 20.58 20.26
N LEU B 158 26.56 21.37 21.29
CA LEU B 158 26.17 20.99 22.61
C LEU B 158 25.11 21.98 23.06
N PRO B 159 23.81 21.67 22.79
CA PRO B 159 22.75 22.65 22.99
C PRO B 159 22.74 23.10 24.43
N GLY B 160 23.03 24.37 24.65
CA GLY B 160 23.04 24.84 26.01
C GLY B 160 24.26 25.70 26.15
N SER B 161 25.36 25.26 25.58
CA SER B 161 26.68 25.86 25.81
C SER B 161 26.82 27.19 25.11
N ARG B 162 27.58 28.13 25.68
CA ARG B 162 28.01 29.30 24.87
C ARG B 162 29.07 28.82 23.87
N GLU B 163 29.35 27.52 23.92
CA GLU B 163 30.65 27.00 23.49
C GLU B 163 30.64 26.43 22.07
N ALA B 164 29.71 25.49 21.83
CA ALA B 164 29.22 25.21 20.48
C ALA B 164 27.70 25.11 20.53
N PRO B 165 26.99 26.22 20.18
CA PRO B 165 25.58 26.43 20.32
C PRO B 165 24.81 25.89 19.17
N GLY B 166 25.51 25.49 18.12
CA GLY B 166 24.84 24.79 17.06
C GLY B 166 24.54 25.67 15.86
N ASN B 167 24.13 25.03 14.79
CA ASN B 167 23.77 25.73 13.58
C ASN B 167 24.69 26.84 13.17
N VAL B 168 25.97 26.83 13.49
CA VAL B 168 26.73 27.99 13.03
C VAL B 168 26.97 28.08 11.52
N GLY B 169 26.56 27.07 10.79
CA GLY B 169 26.85 27.10 9.36
C GLY B 169 25.72 27.85 8.71
N LEU B 170 24.57 27.69 9.37
CA LEU B 170 23.37 28.40 9.02
C LEU B 170 23.64 29.85 9.36
N LEU B 171 24.16 30.14 10.56
CA LEU B 171 24.49 31.52 10.93
C LEU B 171 25.38 32.16 9.86
N ASP B 172 26.27 31.34 9.30
CA ASP B 172 27.20 31.70 8.26
C ASP B 172 26.46 32.10 7.02
N GLN B 173 25.54 31.26 6.56
CA GLN B 173 24.65 31.62 5.46
C GLN B 173 23.93 32.96 5.74
N ARG B 174 23.33 33.10 6.93
CA ARG B 174 22.62 34.33 7.26
C ARG B 174 23.53 35.54 7.19
N LEU B 175 24.73 35.47 7.75
CA LEU B 175 25.68 36.57 7.57
C LEU B 175 25.96 36.86 6.12
N ALA B 176 26.00 35.86 5.27
CA ALA B 176 26.14 36.14 3.83
C ALA B 176 24.93 36.93 3.29
N LEU B 177 23.74 36.61 3.79
CA LEU B 177 22.56 37.31 3.37
C LEU B 177 22.56 38.76 3.87
N GLN B 178 23.12 38.99 5.07
CA GLN B 178 23.24 40.33 5.63
C GLN B 178 24.22 41.12 4.81
N TRP B 179 25.34 40.51 4.50
CA TRP B 179 26.27 41.16 3.61
C TRP B 179 25.56 41.46 2.31
N VAL B 180 24.71 40.57 1.82
CA VAL B 180 24.00 40.88 0.58
C VAL B 180 23.08 42.12 0.65
N GLN B 181 22.42 42.38 1.79
CA GLN B 181 21.60 43.61 1.98
C GLN B 181 22.45 44.85 1.82
N GLU B 182 23.37 45.03 2.77
CA GLU B 182 24.35 46.11 2.73
C GLU B 182 24.99 46.30 1.37
N ASN B 183 25.34 45.26 0.66
CA ASN B 183 26.30 45.47 -0.40
C ASN B 183 25.91 45.24 -1.81
N VAL B 184 24.78 44.60 -2.06
CA VAL B 184 24.55 44.18 -3.42
C VAL B 184 24.14 45.41 -4.20
N ALA B 185 23.56 46.40 -3.49
CA ALA B 185 23.37 47.78 -4.04
C ALA B 185 24.56 48.23 -4.98
N ALA B 186 25.73 48.42 -4.38
CA ALA B 186 27.01 48.50 -5.07
C ALA B 186 27.31 47.62 -6.33
N PHE B 187 26.51 46.62 -6.71
CA PHE B 187 26.79 45.85 -7.97
C PHE B 187 25.62 45.86 -8.89
N GLY B 188 24.58 46.61 -8.51
CA GLY B 188 23.34 46.73 -9.33
C GLY B 188 22.19 45.84 -8.87
N GLY B 189 22.36 45.26 -7.70
CA GLY B 189 21.40 44.28 -7.21
C GLY B 189 20.46 45.02 -6.33
N ASP B 190 19.25 44.49 -6.25
CA ASP B 190 18.23 45.12 -5.46
C ASP B 190 18.12 44.47 -4.08
N PRO B 191 18.68 45.10 -3.03
CA PRO B 191 18.52 44.57 -1.66
C PRO B 191 17.11 44.09 -1.37
N THR B 192 16.15 44.52 -2.18
CA THR B 192 14.75 44.19 -1.95
C THR B 192 14.09 43.37 -3.05
N SER B 193 14.89 42.57 -3.75
CA SER B 193 14.39 41.49 -4.58
C SER B 193 15.33 40.28 -4.65
N VAL B 194 15.54 39.63 -3.51
CA VAL B 194 16.54 38.62 -3.40
C VAL B 194 15.83 37.32 -3.38
N THR B 195 16.14 36.47 -4.35
CA THR B 195 15.63 35.07 -4.38
C THR B 195 16.71 34.05 -3.93
N LEU B 196 16.44 33.27 -2.88
CA LEU B 196 17.35 32.21 -2.46
C LEU B 196 17.12 30.95 -3.29
N PHE B 197 18.20 30.28 -3.70
CA PHE B 197 17.98 28.94 -4.19
C PHE B 197 19.14 28.01 -3.85
N GLY B 198 18.87 26.71 -3.79
CA GLY B 198 19.84 25.73 -3.30
C GLY B 198 19.28 24.35 -3.52
N GLU B 199 20.05 23.33 -3.18
CA GLU B 199 19.71 21.96 -3.60
C GLU B 199 20.19 21.04 -2.50
N SER B 200 19.63 19.84 -2.41
CA SER B 200 19.91 18.92 -1.28
C SER B 200 20.03 19.76 0.02
N ALA B 201 21.08 19.68 0.79
CA ALA B 201 21.05 20.45 2.01
C ALA B 201 20.89 21.95 1.79
N GLY B 202 21.20 22.40 0.58
CA GLY B 202 20.99 23.79 0.21
C GLY B 202 19.50 24.05 0.23
N ALA B 203 18.74 23.18 -0.39
CA ALA B 203 17.31 23.37 -0.41
C ALA B 203 16.80 23.34 1.02
N ALA B 204 17.29 22.39 1.83
CA ALA B 204 16.90 22.38 3.24
C ALA B 204 17.33 23.69 3.90
N SER B 205 18.50 24.20 3.59
CA SER B 205 18.87 25.50 4.16
C SER B 205 17.88 26.63 3.81
N VAL B 206 17.53 26.73 2.53
CA VAL B 206 16.62 27.76 2.11
C VAL B 206 15.41 27.71 3.01
N GLY B 207 14.76 26.55 3.07
CA GLY B 207 13.64 26.33 3.95
C GLY B 207 13.91 26.67 5.40
N MET B 208 15.07 26.38 5.95
CA MET B 208 15.27 26.83 7.32
C MET B 208 15.27 28.33 7.39
N HIS B 209 15.90 29.00 6.44
CA HIS B 209 15.77 30.44 6.44
C HIS B 209 14.32 30.88 6.39
N LEU B 210 13.52 30.22 5.56
CA LEU B 210 12.08 30.45 5.56
C LEU B 210 11.43 30.33 6.94
N LEU B 211 11.94 29.46 7.81
CA LEU B 211 11.29 29.22 9.09
C LEU B 211 11.89 29.99 10.23
N SER B 212 12.83 30.85 9.92
CA SER B 212 13.59 31.45 10.97
C SER B 212 13.59 32.95 10.81
N PRO B 213 12.82 33.64 11.68
CA PRO B 213 12.49 35.02 11.51
C PRO B 213 13.68 35.85 11.09
N PRO B 214 14.76 35.86 11.87
CA PRO B 214 15.73 36.88 11.53
C PRO B 214 16.30 36.74 10.16
N SER B 215 16.12 35.60 9.53
CA SER B 215 16.57 35.41 8.14
C SER B 215 15.55 35.97 7.21
N ARG B 216 14.35 36.05 7.72
CA ARG B 216 13.18 36.24 6.91
C ARG B 216 13.10 37.60 6.23
N GLY B 217 13.78 38.58 6.82
CA GLY B 217 13.89 39.86 6.16
C GLY B 217 14.97 39.96 5.10
N LEU B 218 15.70 38.90 4.75
CA LEU B 218 16.92 39.11 3.93
C LEU B 218 16.77 38.56 2.56
N PHE B 219 15.64 37.89 2.32
CA PHE B 219 15.24 37.49 0.98
C PHE B 219 13.72 37.62 0.86
N HIS B 220 13.19 37.43 -0.36
CA HIS B 220 11.78 37.65 -0.73
C HIS B 220 11.14 36.43 -1.43
N ARG B 221 11.94 35.57 -2.05
CA ARG B 221 11.41 34.42 -2.76
C ARG B 221 12.31 33.21 -2.60
N ALA B 222 11.79 32.01 -2.75
CA ALA B 222 12.66 30.89 -2.49
C ALA B 222 12.51 29.80 -3.49
N VAL B 223 13.66 29.25 -3.89
CA VAL B 223 13.66 28.03 -4.69
C VAL B 223 14.23 26.89 -3.91
N LEU B 224 13.47 25.79 -3.80
CA LEU B 224 13.95 24.60 -3.09
C LEU B 224 14.12 23.44 -4.06
N GLN B 225 15.38 23.07 -4.30
CA GLN B 225 15.68 22.03 -5.30
C GLN B 225 16.08 20.70 -4.66
N SER B 226 15.19 19.71 -4.70
CA SER B 226 15.46 18.39 -4.10
C SER B 226 15.87 18.40 -2.65
N GLY B 227 15.14 19.08 -1.79
CA GLY B 227 15.48 19.11 -0.37
C GLY B 227 14.46 19.95 0.32
N ALA B 228 14.28 19.79 1.63
CA ALA B 228 13.14 20.39 2.34
C ALA B 228 13.59 20.33 3.77
N PRO B 229 13.31 21.34 4.59
CA PRO B 229 13.93 21.24 5.90
C PRO B 229 13.19 20.27 6.78
N ASN B 230 12.09 19.75 6.27
CA ASN B 230 11.38 18.75 7.04
C ASN B 230 11.78 17.35 6.65
N GLY B 231 12.86 17.18 5.91
CA GLY B 231 13.31 15.80 5.63
C GLY B 231 13.80 15.10 6.90
N PRO B 232 13.70 13.74 6.97
CA PRO B 232 14.20 12.98 8.08
C PRO B 232 15.69 13.17 8.30
N TRP B 233 16.43 13.55 7.27
CA TRP B 233 17.89 13.60 7.39
C TRP B 233 18.44 14.95 7.79
N ALA B 234 17.58 15.94 7.76
CA ALA B 234 17.97 17.32 7.62
C ALA B 234 18.14 18.07 8.91
N THR B 235 17.71 17.48 10.02
CA THR B 235 17.84 18.05 11.38
C THR B 235 17.78 16.91 12.38
N VAL B 236 17.85 17.28 13.65
CA VAL B 236 18.35 16.38 14.67
C VAL B 236 18.19 17.18 15.94
N GLY B 237 17.61 16.58 16.95
CA GLY B 237 17.29 17.45 18.06
C GLY B 237 18.10 17.29 19.29
N MET B 238 18.35 18.40 19.98
CA MET B 238 19.28 18.53 21.15
C MET B 238 19.80 17.20 21.76
N GLY B 239 18.86 16.35 22.22
CA GLY B 239 19.13 14.95 22.53
C GLY B 239 20.22 14.28 21.73
N GLU B 240 19.89 13.69 20.56
CA GLU B 240 20.89 13.19 19.62
C GLU B 240 22.01 14.14 19.32
N ALA B 241 21.75 15.45 19.35
CA ALA B 241 22.78 16.36 18.88
C ALA B 241 23.99 16.29 19.74
N ARG B 242 23.77 16.30 21.06
CA ARG B 242 24.85 16.23 22.07
C ARG B 242 25.37 14.82 22.24
N ARG B 243 24.44 13.88 22.40
CA ARG B 243 24.81 12.48 22.37
C ARG B 243 25.84 12.22 21.24
N ARG B 244 25.67 12.81 20.04
CA ARG B 244 26.61 12.65 18.89
C ARG B 244 27.82 13.55 18.95
N ALA B 245 27.76 14.60 19.76
CA ALA B 245 28.89 15.52 19.84
C ALA B 245 29.81 14.93 20.86
N THR B 246 29.31 14.61 22.06
CA THR B 246 30.15 13.94 23.08
C THR B 246 30.75 12.63 22.49
N GLN B 247 29.92 11.82 21.85
CA GLN B 247 30.45 10.62 21.23
C GLN B 247 31.56 10.91 20.21
N LEU B 248 31.66 12.10 19.63
CA LEU B 248 32.87 12.41 18.80
C LEU B 248 34.03 12.73 19.72
N ALA B 249 33.84 13.68 20.61
CA ALA B 249 34.86 14.02 21.57
C ALA B 249 35.57 12.77 22.12
N HIS B 250 34.79 11.81 22.64
CA HIS B 250 35.37 10.57 23.16
C HIS B 250 36.12 9.91 21.98
N LEU B 251 35.40 9.49 20.95
CA LEU B 251 36.01 8.88 19.75
C LEU B 251 37.28 9.53 19.17
N VAL B 252 37.83 10.54 19.84
CA VAL B 252 38.93 11.29 19.28
C VAL B 252 39.89 11.56 20.40
N GLY B 253 39.62 10.94 21.57
CA GLY B 253 40.43 11.03 22.79
C GLY B 253 40.16 12.36 23.43
N CYS B 254 39.54 12.33 24.61
CA CYS B 254 38.99 13.48 25.38
C CYS B 254 37.50 13.28 25.74
N PRO B 255 37.10 13.75 26.96
CA PRO B 255 37.96 14.56 27.83
C PRO B 255 38.96 13.71 28.68
N ASN B 262 32.67 20.82 32.95
CA ASN B 262 32.72 19.64 32.07
C ASN B 262 32.16 19.92 30.70
N ASP B 263 31.73 21.16 30.46
CA ASP B 263 31.09 21.48 29.18
C ASP B 263 32.06 22.26 28.28
N THR B 264 32.62 23.35 28.81
CA THR B 264 33.68 24.12 28.15
C THR B 264 34.94 23.28 27.98
N GLU B 265 35.17 22.46 29.01
CA GLU B 265 36.26 21.53 29.05
C GLU B 265 36.25 20.74 27.73
N LEU B 266 35.15 20.04 27.48
CA LEU B 266 35.02 19.14 26.35
C LEU B 266 35.27 19.78 25.02
N VAL B 267 35.11 21.09 24.98
CA VAL B 267 35.09 21.81 23.72
C VAL B 267 36.47 22.35 23.33
N ALA B 268 37.10 23.10 24.26
CA ALA B 268 38.44 23.67 24.05
C ALA B 268 39.36 22.46 23.84
N CYS B 269 39.02 21.41 24.53
CA CYS B 269 39.72 20.17 24.40
C CYS B 269 39.51 19.41 23.08
N LEU B 270 39.08 20.15 22.08
CA LEU B 270 38.49 19.55 20.90
C LEU B 270 38.69 20.58 19.84
N ARG B 271 38.72 21.84 20.30
CA ARG B 271 39.16 23.00 19.51
C ARG B 271 40.60 22.81 19.12
N THR B 272 41.37 22.06 19.97
CA THR B 272 42.77 21.60 19.68
C THR B 272 42.97 20.44 18.69
N ARG B 273 42.27 19.33 18.72
CA ARG B 273 42.51 18.35 17.63
C ARG B 273 42.65 18.99 16.25
N PRO B 274 43.60 18.53 15.44
CA PRO B 274 43.71 19.04 14.06
C PRO B 274 42.40 18.86 13.30
N ALA B 275 42.20 19.63 12.24
CA ALA B 275 41.01 19.44 11.40
C ALA B 275 40.91 17.97 11.02
N GLN B 276 41.69 17.50 10.07
CA GLN B 276 41.45 16.18 9.45
C GLN B 276 41.16 15.05 10.43
N VAL B 277 41.44 15.20 11.72
CA VAL B 277 41.07 14.09 12.61
C VAL B 277 39.54 14.02 12.86
N LEU B 278 38.93 15.18 13.20
CA LEU B 278 37.47 15.38 13.29
C LEU B 278 36.87 14.86 12.01
N VAL B 279 37.30 15.37 10.87
CA VAL B 279 36.76 14.81 9.65
C VAL B 279 36.75 13.28 9.59
N ASN B 280 37.75 12.67 10.22
CA ASN B 280 38.02 11.23 10.06
C ASN B 280 37.08 10.37 10.83
N HIS B 281 36.64 10.95 11.93
CA HIS B 281 35.64 10.32 12.78
C HIS B 281 34.18 10.77 12.59
N GLU B 282 33.91 11.83 11.81
CA GLU B 282 32.56 12.24 11.45
C GLU B 282 31.61 11.06 11.34
N TRP B 283 31.74 10.13 10.38
CA TRP B 283 30.65 9.19 10.21
C TRP B 283 30.52 8.11 11.27
N HIS B 284 31.37 8.19 12.27
CA HIS B 284 31.35 7.18 13.31
C HIS B 284 30.27 7.46 14.31
N VAL B 285 29.90 8.75 14.52
CA VAL B 285 28.85 9.13 15.49
C VAL B 285 27.41 8.74 15.10
N LEU B 286 27.13 8.69 13.79
CA LEU B 286 25.88 8.20 13.22
C LEU B 286 25.52 6.92 13.94
N PRO B 287 24.25 6.72 14.31
CA PRO B 287 24.15 5.73 15.34
C PRO B 287 23.54 4.46 14.78
N GLN B 288 23.42 4.35 13.47
CA GLN B 288 23.24 3.03 12.90
C GLN B 288 23.54 3.00 11.44
N GLU B 289 23.76 1.82 10.90
CA GLU B 289 24.27 1.68 9.56
C GLU B 289 23.21 2.25 8.64
N SER B 290 23.56 3.12 7.69
CA SER B 290 22.51 3.89 7.03
C SER B 290 22.87 4.65 5.80
N VAL B 291 22.12 4.47 4.72
CA VAL B 291 22.25 5.44 3.65
C VAL B 291 21.54 6.84 3.90
N PHE B 292 21.96 7.93 3.23
CA PHE B 292 21.29 9.29 3.33
C PHE B 292 21.04 9.74 4.76
N ARG B 293 22.06 9.71 5.60
CA ARG B 293 21.96 10.26 6.95
C ARG B 293 23.30 10.89 7.22
N PHE B 294 23.37 12.06 7.83
CA PHE B 294 24.66 12.71 7.98
C PHE B 294 24.82 13.10 9.40
N SER B 295 26.02 13.31 9.86
CA SER B 295 26.19 13.33 11.29
C SER B 295 25.95 14.63 11.96
N PHE B 296 26.36 15.69 11.30
CA PHE B 296 26.22 17.01 11.86
C PHE B 296 25.43 17.82 10.86
N VAL B 297 24.25 18.20 11.36
CA VAL B 297 23.16 18.74 10.56
C VAL B 297 22.69 19.82 11.51
N PRO B 298 21.68 20.65 11.06
CA PRO B 298 21.11 21.65 11.93
C PRO B 298 20.39 21.01 13.12
N VAL B 299 20.42 21.70 14.25
CA VAL B 299 19.74 21.17 15.43
C VAL B 299 18.56 22.03 15.79
N VAL B 300 17.45 21.43 16.22
CA VAL B 300 16.32 22.16 16.84
C VAL B 300 16.64 22.55 18.28
N ASP B 301 17.31 23.68 18.47
CA ASP B 301 17.83 24.09 19.77
C ASP B 301 16.82 24.95 20.47
N GLY B 302 15.70 25.31 19.85
CA GLY B 302 14.90 26.44 20.39
C GLY B 302 15.41 27.84 20.01
N ASP B 303 16.65 27.98 19.51
CA ASP B 303 17.05 29.27 18.99
C ASP B 303 16.86 29.43 17.45
N PHE B 304 17.80 28.99 16.62
CA PHE B 304 17.72 29.30 15.18
C PHE B 304 16.51 28.65 14.56
N LEU B 305 16.18 27.45 15.02
CA LEU B 305 14.90 26.82 14.74
C LEU B 305 14.12 26.84 16.04
N SER B 306 12.98 27.52 16.02
CA SER B 306 12.17 27.65 17.22
C SER B 306 11.51 26.32 17.63
N ASP B 307 11.16 25.53 16.65
CA ASP B 307 10.65 24.24 16.93
C ASP B 307 10.82 23.33 15.69
N THR B 308 10.54 22.05 15.86
CA THR B 308 10.76 21.05 14.82
C THR B 308 10.23 21.56 13.46
N PRO B 309 10.99 21.42 12.34
CA PRO B 309 10.43 22.07 11.16
C PRO B 309 9.05 21.60 10.67
N GLU B 310 8.59 20.38 10.95
CA GLU B 310 7.18 20.19 10.73
C GLU B 310 6.36 21.21 11.49
N ALA B 311 6.52 21.31 12.80
CA ALA B 311 5.55 22.13 13.49
C ALA B 311 5.72 23.62 13.07
N LEU B 312 6.92 23.98 12.75
CA LEU B 312 7.20 25.31 12.38
C LEU B 312 6.50 25.70 11.02
N ILE B 313 6.14 24.67 10.27
CA ILE B 313 5.76 24.75 8.90
C ILE B 313 4.29 24.56 8.84
N ASN B 314 3.69 24.10 9.92
CA ASN B 314 2.27 23.89 9.90
C ASN B 314 1.47 25.13 10.24
N ALA B 315 2.19 26.09 10.82
CA ALA B 315 1.60 27.16 11.52
C ALA B 315 2.55 28.29 11.32
N GLY B 316 2.92 28.58 10.08
CA GLY B 316 4.01 29.55 9.90
C GLY B 316 3.50 30.82 9.29
N ASP B 317 4.38 31.66 8.75
CA ASP B 317 3.92 32.88 8.14
C ASP B 317 4.14 32.86 6.64
N PHE B 318 3.21 32.34 5.87
CA PHE B 318 3.59 32.19 4.46
C PHE B 318 2.93 33.06 3.40
N HIS B 319 1.93 33.85 3.80
CA HIS B 319 1.08 34.53 2.85
C HIS B 319 1.84 35.44 1.90
N GLY B 320 1.66 35.18 0.60
CA GLY B 320 2.33 35.90 -0.49
C GLY B 320 3.82 35.76 -0.38
N LEU B 321 4.21 34.50 -0.27
CA LEU B 321 5.57 34.10 -0.39
C LEU B 321 5.46 33.39 -1.69
N GLN B 322 6.36 33.60 -2.61
CA GLN B 322 6.31 32.72 -3.77
C GLN B 322 7.51 31.75 -3.73
N VAL B 323 7.23 30.45 -3.88
CA VAL B 323 8.31 29.51 -3.85
C VAL B 323 8.28 28.50 -4.98
N LEU B 324 9.44 28.24 -5.54
CA LEU B 324 9.50 27.30 -6.59
C LEU B 324 10.23 26.09 -6.02
N VAL B 325 9.61 24.91 -6.11
CA VAL B 325 10.18 23.67 -5.54
C VAL B 325 10.16 22.52 -6.49
N GLY B 326 11.16 21.68 -6.44
CA GLY B 326 11.10 20.51 -7.30
C GLY B 326 11.88 19.29 -6.90
N VAL B 327 11.74 18.21 -7.65
CA VAL B 327 12.56 17.05 -7.43
C VAL B 327 12.96 16.45 -8.79
N VAL B 328 14.05 15.67 -8.82
CA VAL B 328 14.45 14.95 -10.07
C VAL B 328 13.82 13.54 -10.20
N LYS B 329 13.70 13.02 -11.41
CA LYS B 329 12.98 11.76 -11.69
C LYS B 329 13.37 10.62 -10.78
N ASP B 330 14.66 10.52 -10.42
CA ASP B 330 15.16 9.37 -9.61
C ASP B 330 15.95 9.76 -8.35
N GLU B 331 15.27 10.23 -7.31
CA GLU B 331 16.05 10.89 -6.25
C GLU B 331 16.93 9.94 -5.49
N GLY B 332 16.55 8.67 -5.54
CA GLY B 332 17.00 7.70 -4.54
C GLY B 332 18.35 7.05 -4.82
N SER B 333 18.49 6.54 -6.06
CA SER B 333 19.65 5.79 -6.61
C SER B 333 21.06 6.26 -6.19
N TYR B 334 21.40 7.49 -6.55
CA TYR B 334 22.70 8.00 -6.17
C TYR B 334 23.13 7.53 -4.79
N PHE B 335 22.18 7.35 -3.87
CA PHE B 335 22.61 7.19 -2.48
C PHE B 335 22.92 5.77 -2.14
N LEU B 336 22.33 4.91 -2.97
CA LEU B 336 22.28 3.47 -2.74
C LEU B 336 23.70 2.87 -2.69
N VAL B 337 24.48 3.20 -3.73
CA VAL B 337 25.86 2.80 -3.85
C VAL B 337 26.69 3.30 -2.67
N TYR B 338 26.10 3.52 -1.51
CA TYR B 338 26.91 3.91 -0.38
C TYR B 338 26.53 3.22 0.93
N GLY B 339 25.94 2.03 0.91
CA GLY B 339 25.80 1.32 2.20
C GLY B 339 24.75 0.26 2.09
N ALA B 340 24.05 0.33 0.96
CA ALA B 340 22.97 -0.53 0.64
C ALA B 340 23.59 -1.72 0.00
N PRO B 341 23.48 -2.90 0.66
CA PRO B 341 23.89 -4.22 0.20
C PRO B 341 23.59 -4.56 -1.27
N GLY B 342 24.66 -4.83 -2.05
CA GLY B 342 24.57 -5.27 -3.45
C GLY B 342 24.54 -4.16 -4.53
N PHE B 343 25.03 -2.97 -4.16
CA PHE B 343 25.04 -1.79 -5.09
C PHE B 343 26.44 -1.34 -5.56
N SER B 344 26.59 -1.19 -6.90
CA SER B 344 27.69 -0.38 -7.48
C SER B 344 27.32 0.21 -8.82
N LYS B 345 28.07 1.24 -9.20
CA LYS B 345 27.81 1.92 -10.48
C LYS B 345 28.13 0.98 -11.64
N ASP B 346 29.02 0.06 -11.30
CA ASP B 346 29.73 -0.75 -12.26
C ASP B 346 28.81 -1.87 -12.69
N ASN B 347 28.36 -2.71 -11.74
CA ASN B 347 27.35 -3.72 -12.13
C ASN B 347 25.94 -3.24 -12.29
N GLU B 348 25.07 -4.20 -12.52
CA GLU B 348 23.67 -3.93 -12.80
C GLU B 348 22.83 -3.62 -11.50
N SER B 349 23.49 -3.93 -10.39
CA SER B 349 22.96 -3.83 -9.05
C SER B 349 21.63 -4.59 -8.85
N LEU B 350 21.17 -5.35 -9.86
CA LEU B 350 20.15 -6.40 -9.64
C LEU B 350 20.35 -7.12 -8.30
N ILE B 351 19.45 -6.90 -7.34
CA ILE B 351 19.59 -7.44 -5.97
C ILE B 351 18.62 -8.60 -5.73
N SER B 352 18.83 -9.25 -4.59
CA SER B 352 17.91 -10.30 -4.21
C SER B 352 17.13 -9.88 -2.97
N ARG B 353 15.86 -10.32 -2.91
CA ARG B 353 15.02 -10.16 -1.73
C ARG B 353 15.86 -9.87 -0.51
N ALA B 354 16.58 -10.84 0.04
CA ALA B 354 17.12 -10.66 1.38
C ALA B 354 18.12 -9.53 1.51
N GLU B 355 18.57 -9.02 0.35
CA GLU B 355 19.40 -7.80 0.31
C GLU B 355 18.52 -6.52 0.34
N PHE B 356 17.59 -6.42 -0.63
CA PHE B 356 16.42 -5.51 -0.47
C PHE B 356 15.89 -5.37 0.96
N LEU B 357 15.59 -6.47 1.60
CA LEU B 357 15.12 -6.39 2.92
C LEU B 357 16.10 -5.77 3.87
N ALA B 358 17.41 -6.02 3.76
CA ALA B 358 18.32 -5.37 4.76
C ALA B 358 18.60 -3.94 4.33
N GLY B 359 18.48 -3.74 3.01
CA GLY B 359 18.48 -2.44 2.34
C GLY B 359 17.50 -1.46 3.00
N VAL B 360 16.22 -1.87 3.02
CA VAL B 360 15.13 -1.16 3.69
C VAL B 360 15.53 -0.72 5.09
N ARG B 361 16.22 -1.58 5.85
CA ARG B 361 16.49 -1.24 7.25
C ARG B 361 17.67 -0.26 7.29
N VAL B 362 18.14 0.08 6.12
CA VAL B 362 19.30 0.92 6.10
C VAL B 362 18.93 2.20 5.40
N GLY B 363 18.06 2.11 4.38
CA GLY B 363 17.32 3.27 3.84
C GLY B 363 16.52 4.01 4.92
N VAL B 364 15.89 3.24 5.80
CA VAL B 364 14.95 3.76 6.75
C VAL B 364 15.44 3.33 8.07
N PRO B 365 16.56 3.90 8.48
CA PRO B 365 17.18 3.59 9.75
C PRO B 365 16.34 3.89 10.93
N GLN B 366 16.71 3.22 12.00
CA GLN B 366 16.15 3.40 13.33
C GLN B 366 14.65 3.81 13.44
N VAL B 367 13.84 2.81 13.10
CA VAL B 367 12.42 2.88 12.91
C VAL B 367 12.19 1.44 13.38
N SER B 368 11.16 1.17 14.18
CA SER B 368 10.82 -0.20 14.62
C SER B 368 10.54 -1.22 13.49
N ASP B 369 10.52 -2.50 13.82
CA ASP B 369 10.35 -3.51 12.76
C ASP B 369 8.92 -3.58 12.28
N LEU B 370 7.97 -3.06 13.07
CA LEU B 370 6.64 -2.98 12.50
C LEU B 370 6.70 -1.97 11.35
N ALA B 371 7.27 -0.82 11.66
CA ALA B 371 7.52 0.19 10.66
C ALA B 371 8.16 -0.38 9.40
N ALA B 372 9.24 -1.11 9.57
CA ALA B 372 9.85 -1.73 8.41
C ALA B 372 8.90 -2.60 7.58
N GLU B 373 8.18 -3.52 8.23
CA GLU B 373 7.36 -4.48 7.48
C GLU B 373 6.32 -3.60 6.77
N ALA B 374 5.96 -2.48 7.41
CA ALA B 374 5.06 -1.52 6.72
C ALA B 374 5.55 -1.09 5.32
N VAL B 375 6.79 -0.56 5.33
CA VAL B 375 7.53 -0.20 4.12
C VAL B 375 7.60 -1.34 3.12
N VAL B 376 8.21 -2.44 3.55
CA VAL B 376 8.27 -3.60 2.68
C VAL B 376 6.93 -3.84 1.97
N LEU B 377 5.83 -3.85 2.74
CA LEU B 377 4.53 -4.10 2.20
C LEU B 377 4.22 -3.12 1.08
N HIS B 378 4.50 -1.84 1.31
CA HIS B 378 4.23 -0.83 0.25
C HIS B 378 5.10 -0.94 -0.93
N TYR B 379 6.40 -1.12 -0.66
CA TYR B 379 7.39 -1.10 -1.73
C TYR B 379 7.60 -2.40 -2.57
N THR B 380 7.45 -3.58 -1.96
CA THR B 380 7.31 -4.81 -2.70
C THR B 380 6.18 -4.91 -3.67
N ASP B 381 6.47 -5.56 -4.80
CA ASP B 381 5.49 -5.92 -5.84
C ASP B 381 5.12 -7.35 -5.63
N TRP B 382 4.38 -7.67 -4.57
CA TRP B 382 3.83 -9.02 -4.30
C TRP B 382 3.39 -9.89 -5.51
N LEU B 383 3.18 -9.29 -6.67
CA LEU B 383 3.08 -10.08 -7.88
C LEU B 383 4.44 -10.69 -8.35
N HIS B 384 5.56 -10.00 -8.14
CA HIS B 384 6.91 -10.39 -8.56
C HIS B 384 7.84 -9.99 -7.44
N PRO B 385 7.78 -10.60 -6.28
CA PRO B 385 8.52 -10.18 -5.06
C PRO B 385 10.02 -10.42 -5.16
N GLU B 386 10.40 -10.93 -6.32
CA GLU B 386 11.68 -11.61 -6.54
C GLU B 386 12.56 -10.86 -7.61
N ASP B 387 11.99 -10.68 -8.82
CA ASP B 387 12.56 -9.90 -9.92
C ASP B 387 13.49 -8.80 -9.47
N PRO B 388 14.80 -8.91 -9.81
CA PRO B 388 15.68 -7.94 -9.12
C PRO B 388 15.73 -6.54 -9.76
N ALA B 389 15.31 -6.40 -11.03
CA ALA B 389 14.96 -5.06 -11.61
C ALA B 389 14.07 -4.20 -10.68
N ARG B 390 12.82 -4.65 -10.54
CA ARG B 390 11.83 -4.14 -9.60
C ARG B 390 12.42 -3.95 -8.24
N LEU B 391 12.86 -5.02 -7.62
CA LEU B 391 13.39 -4.85 -6.30
C LEU B 391 14.41 -3.72 -6.20
N ARG B 392 14.96 -3.29 -7.30
CA ARG B 392 15.97 -2.25 -7.21
C ARG B 392 15.34 -0.87 -7.35
N GLU B 393 14.61 -0.69 -8.44
CA GLU B 393 13.79 0.48 -8.67
C GLU B 393 12.99 0.77 -7.41
N ALA B 394 12.29 -0.25 -6.88
CA ALA B 394 11.83 -0.29 -5.48
C ALA B 394 12.78 0.36 -4.43
N LEU B 395 13.83 -0.28 -3.94
CA LEU B 395 14.65 0.35 -2.93
C LEU B 395 15.13 1.78 -3.30
N SER B 396 15.04 2.11 -4.61
CA SER B 396 15.41 3.44 -5.09
C SER B 396 14.30 4.35 -4.61
N ASP B 397 13.06 4.03 -5.01
CA ASP B 397 11.83 4.70 -4.50
C ASP B 397 11.80 4.85 -2.94
N VAL B 398 11.88 3.74 -2.22
CA VAL B 398 11.94 3.86 -0.79
C VAL B 398 12.88 4.97 -0.41
N VAL B 399 14.14 4.99 -0.84
CA VAL B 399 15.05 6.09 -0.34
C VAL B 399 14.67 7.51 -0.86
N GLY B 400 14.30 7.54 -2.12
CA GLY B 400 13.81 8.71 -2.78
C GLY B 400 12.62 9.39 -2.12
N ASP B 401 11.61 8.59 -1.76
CA ASP B 401 10.38 9.10 -1.18
C ASP B 401 10.61 9.56 0.23
N HIS B 402 10.93 8.63 1.09
CA HIS B 402 11.23 8.91 2.46
C HIS B 402 12.03 10.21 2.71
N ASN B 403 12.99 10.47 1.84
CA ASN B 403 14.01 11.45 2.16
C ASN B 403 13.87 12.72 1.35
N VAL B 404 13.32 12.61 0.15
CA VAL B 404 13.24 13.80 -0.66
C VAL B 404 11.88 14.10 -1.18
N VAL B 405 11.37 13.34 -2.14
CA VAL B 405 10.02 13.62 -2.63
C VAL B 405 8.95 13.91 -1.56
N CYS B 406 8.67 12.96 -0.68
CA CYS B 406 7.64 13.15 0.32
C CYS B 406 7.84 14.35 1.20
N PRO B 407 9.06 14.57 1.72
CA PRO B 407 9.21 15.81 2.45
C PRO B 407 8.92 17.06 1.60
N VAL B 408 9.20 17.01 0.31
CA VAL B 408 9.03 18.20 -0.53
C VAL B 408 7.57 18.41 -0.78
N ALA B 409 6.85 17.36 -1.19
CA ALA B 409 5.39 17.44 -1.40
C ALA B 409 4.66 17.94 -0.16
N GLN B 410 5.13 17.57 1.02
CA GLN B 410 4.47 18.02 2.25
C GLN B 410 4.62 19.52 2.41
N LEU B 411 5.84 20.01 2.29
CA LEU B 411 6.09 21.39 2.41
C LEU B 411 5.24 22.11 1.38
N ALA B 412 5.32 21.71 0.11
CA ALA B 412 4.59 22.40 -0.91
C ALA B 412 3.10 22.57 -0.54
N GLY B 413 2.46 21.45 -0.24
CA GLY B 413 1.08 21.42 0.26
C GLY B 413 0.82 22.39 1.39
N ARG B 414 1.61 22.28 2.46
CA ARG B 414 1.41 23.09 3.70
C ARG B 414 1.68 24.58 3.40
N LEU B 415 2.62 24.89 2.52
CA LEU B 415 2.83 26.24 2.15
C LEU B 415 1.67 26.83 1.36
N ALA B 416 1.16 26.08 0.38
CA ALA B 416 0.07 26.55 -0.52
C ALA B 416 -1.09 26.94 0.33
N ALA B 417 -1.48 26.03 1.21
CA ALA B 417 -2.64 26.21 2.04
C ALA B 417 -2.54 27.31 3.07
N GLN B 418 -1.41 27.95 3.25
CA GLN B 418 -1.36 29.12 4.11
C GLN B 418 -1.03 30.34 3.20
N GLY B 419 -1.35 30.11 1.93
CA GLY B 419 -1.37 31.11 0.87
C GLY B 419 -0.06 31.58 0.34
N ALA B 420 0.74 30.64 -0.15
CA ALA B 420 2.01 31.01 -0.78
C ALA B 420 1.73 30.60 -2.18
N ARG B 421 2.33 31.26 -3.19
CA ARG B 421 2.10 30.82 -4.60
C ARG B 421 3.25 29.88 -4.79
N VAL B 422 2.95 28.60 -4.99
CA VAL B 422 3.99 27.60 -5.00
C VAL B 422 4.06 27.02 -6.40
N TYR B 423 5.21 27.04 -7.07
CA TYR B 423 5.34 26.32 -8.35
C TYR B 423 6.23 25.08 -8.21
N ALA B 424 5.70 23.91 -8.57
CA ALA B 424 6.43 22.65 -8.42
C ALA B 424 6.79 21.92 -9.74
N TYR B 425 8.07 21.55 -9.86
CA TYR B 425 8.57 20.87 -11.06
C TYR B 425 9.00 19.47 -10.75
N VAL B 426 8.92 18.59 -11.73
CA VAL B 426 9.70 17.34 -11.72
C VAL B 426 10.62 17.22 -12.92
N PHE B 427 11.93 17.25 -12.67
CA PHE B 427 12.99 17.28 -13.70
C PHE B 427 13.37 15.91 -14.15
N GLU B 428 12.94 15.53 -15.35
CA GLU B 428 13.16 14.15 -15.82
C GLU B 428 14.05 13.94 -17.06
N HIS B 429 15.11 14.74 -17.18
CA HIS B 429 16.12 14.54 -18.24
C HIS B 429 17.50 13.98 -17.82
N ARG B 430 17.88 12.87 -18.45
CA ARG B 430 19.21 12.27 -18.29
C ARG B 430 20.22 12.94 -19.23
N ALA B 431 21.18 13.67 -18.64
CA ALA B 431 22.23 14.38 -19.41
C ALA B 431 23.06 13.37 -20.18
N SER B 432 22.98 13.50 -21.50
CA SER B 432 23.86 12.80 -22.44
C SER B 432 25.28 12.76 -21.89
N THR B 433 25.80 13.84 -21.32
CA THR B 433 27.15 13.80 -20.68
C THR B 433 27.39 12.81 -19.54
N LEU B 434 26.35 12.14 -19.04
CA LEU B 434 26.36 11.71 -17.65
C LEU B 434 27.27 10.55 -17.24
N SER B 435 28.23 10.82 -16.39
CA SER B 435 29.05 9.70 -15.97
C SER B 435 28.35 8.42 -15.37
N TRP B 436 27.04 8.45 -15.07
CA TRP B 436 26.48 7.38 -14.14
C TRP B 436 25.59 6.39 -14.87
N PRO B 437 25.65 5.10 -14.46
CA PRO B 437 25.02 3.92 -15.09
C PRO B 437 23.67 4.27 -15.61
N LEU B 438 23.26 3.72 -16.74
CA LEU B 438 21.91 3.94 -17.27
C LEU B 438 20.80 3.59 -16.20
N TRP B 439 21.15 2.64 -15.30
CA TRP B 439 20.24 2.19 -14.22
C TRP B 439 19.88 3.29 -13.18
N MET B 440 20.82 4.15 -12.78
CA MET B 440 20.54 5.20 -11.81
C MET B 440 19.62 6.29 -12.33
N GLY B 441 19.12 6.13 -13.57
CA GLY B 441 18.17 7.08 -14.21
C GLY B 441 18.69 8.52 -14.14
N VAL B 442 17.80 9.51 -13.94
CA VAL B 442 18.20 10.92 -13.63
C VAL B 442 18.54 11.17 -12.15
N PRO B 443 19.81 11.18 -11.75
CA PRO B 443 20.03 11.19 -10.27
C PRO B 443 20.00 12.51 -9.46
N HIS B 444 20.19 12.40 -8.17
CA HIS B 444 20.13 13.53 -7.28
C HIS B 444 21.31 14.41 -7.58
N GLY B 445 21.03 15.55 -8.17
CA GLY B 445 22.06 16.55 -8.40
C GLY B 445 22.11 17.01 -9.86
N TYR B 446 21.54 16.22 -10.77
CA TYR B 446 21.80 16.40 -12.21
C TYR B 446 20.78 17.34 -12.87
N GLU B 447 20.19 18.16 -12.02
CA GLU B 447 19.42 19.28 -12.50
C GLU B 447 20.31 20.53 -12.53
N ILE B 448 21.39 20.54 -11.76
CA ILE B 448 22.08 21.79 -11.46
C ILE B 448 22.76 22.28 -12.69
N GLU B 449 23.73 21.51 -13.21
CA GLU B 449 24.25 21.60 -14.61
C GLU B 449 23.33 22.43 -15.54
N PHE B 450 22.08 22.04 -15.73
CA PHE B 450 21.17 22.79 -16.60
C PHE B 450 20.55 24.05 -16.01
N ILE B 451 20.53 24.20 -14.70
CA ILE B 451 19.89 25.39 -14.12
C ILE B 451 20.92 26.47 -14.17
N PHE B 452 22.18 26.07 -14.01
CA PHE B 452 23.27 27.03 -14.04
C PHE B 452 23.77 27.40 -15.43
N GLY B 453 23.12 26.78 -16.42
CA GLY B 453 23.36 27.01 -17.83
C GLY B 453 24.68 26.43 -18.32
N ILE B 454 25.19 25.36 -17.69
CA ILE B 454 26.47 24.77 -18.13
C ILE B 454 26.51 24.30 -19.61
N PRO B 455 25.51 23.55 -20.13
CA PRO B 455 25.61 23.22 -21.58
C PRO B 455 26.27 24.30 -22.55
N LEU B 456 25.94 25.57 -22.33
CA LEU B 456 26.48 26.71 -23.09
C LEU B 456 27.99 26.87 -23.28
N ASP B 457 28.79 26.30 -22.38
CA ASP B 457 30.26 26.28 -22.46
C ASP B 457 30.63 25.15 -23.44
N PRO B 458 31.00 25.51 -24.72
CA PRO B 458 30.99 24.48 -25.81
C PRO B 458 32.23 23.61 -25.70
N SER B 459 33.16 24.07 -24.85
CA SER B 459 34.26 23.26 -24.28
C SER B 459 33.77 21.95 -23.60
N ARG B 460 32.50 21.60 -23.84
CA ARG B 460 31.76 20.50 -23.21
C ARG B 460 30.72 19.94 -24.14
N ASN B 461 30.53 18.63 -24.06
CA ASN B 461 29.88 17.83 -25.11
C ASN B 461 28.32 17.90 -25.28
N TYR B 462 27.62 18.83 -24.64
CA TYR B 462 26.14 18.76 -24.62
C TYR B 462 25.54 18.80 -26.03
N THR B 463 24.57 17.93 -26.35
CA THR B 463 23.74 18.13 -27.56
C THR B 463 23.27 19.57 -27.67
N ALA B 464 22.85 20.00 -28.84
CA ALA B 464 22.55 21.41 -28.97
C ALA B 464 21.07 21.60 -28.84
N GLU B 465 20.36 20.50 -28.59
CA GLU B 465 19.01 20.61 -28.06
C GLU B 465 19.00 20.83 -26.53
N GLU B 466 19.94 20.17 -25.86
CA GLU B 466 20.25 20.46 -24.49
C GLU B 466 20.59 21.91 -24.22
N LYS B 467 21.32 22.58 -25.12
CA LYS B 467 21.65 24.00 -24.88
C LYS B 467 20.37 24.87 -24.95
N ILE B 468 19.36 24.39 -25.67
CA ILE B 468 18.06 25.08 -25.88
C ILE B 468 17.11 24.92 -24.66
N PHE B 469 17.29 23.78 -23.98
CA PHE B 469 16.69 23.47 -22.66
C PHE B 469 17.26 24.41 -21.58
N ALA B 470 18.55 24.20 -21.30
CA ALA B 470 19.36 25.05 -20.49
C ALA B 470 18.95 26.51 -20.53
N GLN B 471 18.51 26.97 -21.68
CA GLN B 471 18.07 28.34 -21.79
C GLN B 471 16.67 28.50 -21.28
N ARG B 472 15.81 27.54 -21.64
CA ARG B 472 14.45 27.51 -21.15
C ARG B 472 14.46 27.57 -19.60
N LEU B 473 15.22 26.65 -18.97
CA LEU B 473 15.28 26.57 -17.50
C LEU B 473 15.75 27.87 -16.90
N MET B 474 16.94 28.30 -17.28
CA MET B 474 17.39 29.60 -16.84
C MET B 474 16.31 30.68 -16.98
N ARG B 475 15.41 30.52 -17.94
CA ARG B 475 14.41 31.54 -18.16
C ARG B 475 13.41 31.50 -17.00
N TYR B 476 12.77 30.33 -16.86
CA TYR B 476 11.93 29.95 -15.72
C TYR B 476 12.52 30.42 -14.39
N TRP B 477 13.72 29.95 -14.07
CA TRP B 477 14.35 30.47 -12.88
C TRP B 477 14.42 31.98 -12.83
N ALA B 478 14.93 32.63 -13.89
CA ALA B 478 15.11 34.07 -13.80
C ALA B 478 13.76 34.75 -13.75
N ASN B 479 12.80 34.22 -14.52
CA ASN B 479 11.44 34.77 -14.47
C ASN B 479 10.84 34.76 -13.10
N PHE B 480 11.04 33.63 -12.42
CA PHE B 480 10.66 33.47 -11.03
C PHE B 480 11.31 34.55 -10.17
N ALA B 481 12.63 34.64 -10.29
CA ALA B 481 13.40 35.60 -9.53
C ALA B 481 12.82 36.99 -9.72
N ARG B 482 12.50 37.31 -10.98
CA ARG B 482 12.04 38.65 -11.37
C ARG B 482 10.67 38.96 -10.84
N THR B 483 9.75 38.02 -11.06
CA THR B 483 8.32 38.24 -10.81
C THR B 483 7.58 37.29 -9.87
N GLY B 484 8.20 36.18 -9.42
CA GLY B 484 7.49 35.20 -8.59
C GLY B 484 6.59 34.30 -9.41
N ASP B 485 6.86 34.24 -10.70
CA ASP B 485 6.19 33.33 -11.59
C ASP B 485 7.23 32.83 -12.61
N PRO B 486 7.40 31.53 -12.74
CA PRO B 486 8.46 31.11 -13.59
C PRO B 486 8.12 31.25 -15.06
N ASN B 487 6.84 31.40 -15.41
CA ASN B 487 6.53 31.44 -16.83
C ASN B 487 6.26 32.85 -17.39
N GLU B 488 5.97 32.86 -18.70
CA GLU B 488 6.31 33.94 -19.67
C GLU B 488 5.50 35.31 -19.76
N PRO B 489 6.12 36.45 -19.27
CA PRO B 489 5.35 37.56 -18.61
C PRO B 489 4.58 38.56 -19.51
N ASP B 491 2.46 36.33 -22.43
CA ASP B 491 2.06 35.53 -23.59
C ASP B 491 1.32 34.21 -23.25
N PRO B 492 -0.05 34.18 -23.38
CA PRO B 492 -0.60 32.78 -23.34
C PRO B 492 -0.19 31.89 -24.58
N LYS B 493 1.06 32.02 -25.07
CA LYS B 493 1.61 31.24 -26.23
C LYS B 493 1.89 29.72 -26.04
N ALA B 494 2.75 29.42 -25.05
CA ALA B 494 3.22 28.03 -24.66
C ALA B 494 2.13 27.21 -23.88
N PRO B 495 2.49 26.02 -23.29
CA PRO B 495 1.50 25.60 -22.21
C PRO B 495 1.87 26.25 -20.86
N GLN B 496 0.84 26.61 -20.09
CA GLN B 496 1.02 27.32 -18.81
C GLN B 496 1.65 26.44 -17.71
N TRP B 497 2.39 27.02 -16.77
CA TRP B 497 2.85 26.24 -15.61
C TRP B 497 1.92 26.63 -14.44
N PRO B 498 0.97 25.74 -14.04
CA PRO B 498 0.02 26.15 -13.01
C PRO B 498 0.60 26.04 -11.61
N PRO B 499 0.19 26.93 -10.70
CA PRO B 499 0.60 26.72 -9.34
C PRO B 499 0.25 25.33 -8.71
N TYR B 500 1.16 24.86 -7.85
CA TYR B 500 0.89 23.70 -6.99
C TYR B 500 -0.07 24.20 -5.95
N THR B 501 -0.99 23.32 -5.54
CA THR B 501 -1.90 23.61 -4.45
C THR B 501 -2.27 22.34 -3.78
N ALA B 502 -2.80 22.47 -2.59
CA ALA B 502 -3.12 21.34 -1.73
C ALA B 502 -4.05 20.28 -2.37
N GLY B 503 -5.10 20.67 -3.08
CA GLY B 503 -6.00 19.70 -3.66
C GLY B 503 -5.59 19.23 -5.05
N ALA B 504 -5.45 20.14 -6.03
CA ALA B 504 -5.14 19.75 -7.43
C ALA B 504 -3.72 19.21 -7.54
N GLN B 505 -2.80 19.82 -6.81
CA GLN B 505 -1.45 19.32 -6.72
C GLN B 505 -0.79 19.14 -8.05
N GLN B 506 -0.64 20.23 -8.80
CA GLN B 506 -0.16 20.20 -10.17
C GLN B 506 1.31 20.58 -10.25
N TYR B 507 2.11 19.72 -10.88
CA TYR B 507 3.52 20.03 -11.15
C TYR B 507 3.69 19.92 -12.61
N VAL B 508 4.88 20.23 -13.09
CA VAL B 508 5.21 20.08 -14.52
C VAL B 508 6.46 19.25 -14.65
N SER B 509 6.62 18.60 -15.80
CA SER B 509 7.86 17.89 -16.12
C SER B 509 8.81 18.83 -16.83
N LEU B 510 10.08 18.71 -16.49
CA LEU B 510 11.11 19.45 -17.15
C LEU B 510 11.97 18.39 -17.83
N ASP B 511 11.88 18.39 -19.16
CA ASP B 511 12.73 17.58 -20.05
C ASP B 511 12.76 18.36 -21.36
N LEU B 512 13.20 17.65 -22.41
CA LEU B 512 13.24 18.11 -23.79
C LEU B 512 11.83 18.38 -24.31
N ARG B 513 10.89 17.44 -24.24
CA ARG B 513 9.47 17.73 -24.67
C ARG B 513 8.96 19.06 -24.04
N PRO B 514 7.86 19.67 -24.55
CA PRO B 514 7.50 20.88 -23.76
C PRO B 514 6.75 20.51 -22.40
N LEU B 515 6.58 21.49 -21.52
CA LEU B 515 5.82 21.30 -20.26
C LEU B 515 4.53 20.50 -20.42
N GLU B 516 4.56 19.30 -19.83
CA GLU B 516 3.36 18.53 -19.54
C GLU B 516 2.97 18.82 -18.08
N VAL B 517 1.67 19.07 -17.85
CA VAL B 517 1.13 19.30 -16.50
C VAL B 517 0.50 18.04 -15.90
N ARG B 518 1.15 17.47 -14.87
CA ARG B 518 0.64 16.32 -14.16
C ARG B 518 0.05 16.70 -12.80
N ARG B 519 -0.77 15.81 -12.27
CA ARG B 519 -1.31 15.94 -10.93
C ARG B 519 -0.69 14.88 -9.99
N GLY B 520 -0.47 15.20 -8.73
CA GLY B 520 -0.16 14.16 -7.78
C GLY B 520 1.29 13.76 -7.77
N LEU B 521 2.09 14.61 -7.15
CA LEU B 521 3.49 14.40 -6.91
C LEU B 521 3.76 13.24 -5.97
N ARG B 522 3.62 12.02 -6.50
CA ARG B 522 3.92 10.76 -5.75
C ARG B 522 2.95 10.68 -4.54
N ALA B 523 1.67 10.75 -4.88
CA ALA B 523 0.61 11.00 -3.92
C ALA B 523 0.33 9.82 -3.01
N GLN B 524 0.16 8.64 -3.57
CA GLN B 524 -0.09 7.45 -2.74
C GLN B 524 1.05 7.11 -1.82
N ALA B 525 2.27 7.35 -2.26
CA ALA B 525 3.40 6.96 -1.45
C ALA B 525 3.52 7.96 -0.33
N CYS B 526 3.38 9.24 -0.66
CA CYS B 526 3.41 10.24 0.40
C CYS B 526 2.32 10.10 1.48
N ALA B 527 1.17 9.53 1.08
CA ALA B 527 0.12 9.23 2.04
C ALA B 527 0.78 8.36 3.07
N PHE B 528 1.50 7.34 2.64
CA PHE B 528 2.14 6.44 3.57
C PHE B 528 3.20 7.13 4.47
N TRP B 529 4.09 7.93 3.90
CA TRP B 529 5.21 8.44 4.65
C TRP B 529 4.80 9.56 5.54
N ASN B 530 4.00 10.47 4.99
CA ASN B 530 3.57 11.66 5.72
C ASN B 530 2.40 11.52 6.72
N ARG B 531 1.46 10.62 6.43
CA ARG B 531 0.27 10.52 7.24
C ARG B 531 0.32 9.28 8.12
N PHE B 532 0.33 8.11 7.51
CA PHE B 532 0.23 6.91 8.28
C PHE B 532 1.44 6.58 9.15
N LEU B 533 2.63 6.73 8.61
CA LEU B 533 3.84 6.17 9.22
C LEU B 533 4.10 6.78 10.58
N PRO B 534 3.88 8.12 10.70
CA PRO B 534 4.05 8.72 11.99
C PRO B 534 3.05 8.21 13.00
N LYS B 535 1.83 7.90 12.60
CA LYS B 535 0.83 7.44 13.54
C LYS B 535 1.30 6.14 14.08
N LEU B 536 1.94 5.35 13.23
CA LEU B 536 2.34 3.99 13.57
C LEU B 536 3.58 4.00 14.43
N LEU B 537 4.44 4.99 14.24
CA LEU B 537 5.62 5.13 15.08
C LEU B 537 5.29 5.57 16.51
N SER B 538 4.25 6.37 16.69
CA SER B 538 3.93 6.79 18.06
C SER B 538 2.80 5.96 18.66
N ALA B 539 2.38 4.91 17.95
CA ALA B 539 1.48 3.94 18.57
C ALA B 539 2.28 2.76 19.11
N THR B 540 3.45 2.48 18.52
CA THR B 540 4.14 1.19 18.75
C THR B 540 5.49 1.28 19.47
C1 NAG C . -30.25 5.78 -1.18
C2 NAG C . -30.89 5.22 0.14
C3 NAG C . -30.67 6.20 1.28
C4 NAG C . -29.40 7.07 1.22
C5 NAG C . -29.28 7.63 -0.21
C6 NAG C . -28.18 8.65 -0.52
C7 NAG C . -33.62 5.21 0.18
C8 NAG C . -34.34 5.73 -1.08
N2 NAG C . -32.33 4.68 0.11
O3 NAG C . -30.75 5.42 2.43
O4 NAG C . -29.47 8.18 2.08
O5 NAG C . -29.05 6.44 -0.91
O6 NAG C . -28.16 8.86 -1.93
O7 NAG C . -34.25 5.23 1.26
C1 NAG C . -29.21 7.90 3.51
C2 NAG C . -30.02 8.94 4.38
C3 NAG C . -30.97 8.30 5.46
C4 NAG C . -30.92 6.76 5.60
C5 NAG C . -29.55 6.14 5.26
C6 NAG C . -29.53 4.62 5.44
C7 NAG C . -28.58 11.14 4.44
C8 NAG C . -27.28 11.67 5.04
N2 NAG C . -29.15 10.02 5.00
O3 NAG C . -32.31 8.72 5.26
O4 NAG C . -31.19 6.46 6.95
O5 NAG C . -29.22 6.50 3.92
O6 NAG C . -28.21 4.26 5.24
O7 NAG C . -29.07 11.74 3.47
C1 NAG D . 28.42 -5.10 -7.66
C2 NAG D . 29.42 -4.82 -6.48
C3 NAG D . 29.39 -5.93 -5.39
C4 NAG D . 28.09 -6.75 -5.23
C5 NAG D . 27.74 -7.25 -6.62
C6 NAG D . 26.56 -8.23 -6.77
C7 NAG D . 32.06 -4.85 -7.21
C8 NAG D . 32.22 -5.11 -8.72
N2 NAG D . 30.83 -4.30 -6.83
O3 NAG D . 29.71 -5.38 -4.14
O4 NAG D . 28.11 -7.85 -4.32
O5 NAG D . 27.46 -6.08 -7.34
O6 NAG D . 26.26 -8.29 -8.15
O7 NAG D . 33.01 -5.10 -6.40
C1 NAG D . 28.76 -7.87 -2.98
C2 NAG D . 29.88 -8.97 -2.87
C3 NAG D . 30.46 -9.11 -1.41
C4 NAG D . 30.69 -7.76 -0.73
C5 NAG D . 29.44 -6.87 -0.93
C6 NAG D . 29.43 -5.56 -0.17
C7 NAG D . 29.02 -10.52 -4.74
C8 NAG D . 27.69 -11.23 -5.03
N2 NAG D . 29.36 -10.26 -3.42
O3 NAG D . 31.68 -9.81 -1.23
O4 NAG D . 31.01 -8.06 0.62
O5 NAG D . 29.16 -6.66 -2.33
O6 NAG D . 28.09 -5.13 -0.33
O7 NAG D . 29.76 -10.22 -5.70
S SO4 E . -4.04 -5.63 -6.09
O1 SO4 E . -5.01 -5.78 -7.19
O2 SO4 E . -3.84 -4.21 -5.88
O3 SO4 E . -4.51 -6.16 -4.81
O4 SO4 E . -2.77 -6.30 -6.44
S SO4 F . 0.22 -16.43 4.27
O1 SO4 F . -0.70 -15.92 3.24
O2 SO4 F . 1.37 -15.51 4.50
O3 SO4 F . -0.52 -16.65 5.50
O4 SO4 F . 0.63 -17.77 3.92
S SO4 G . -25.87 -16.43 -0.55
O1 SO4 G . -27.02 -16.23 0.32
O2 SO4 G . -25.65 -15.14 -1.25
O3 SO4 G . -24.71 -16.88 0.24
O4 SO4 G . -26.16 -17.46 -1.53
S SO4 H . 5.75 -21.25 -8.61
O1 SO4 H . 6.32 -21.01 -7.27
O2 SO4 H . 6.59 -20.60 -9.61
O3 SO4 H . 5.70 -22.67 -8.93
O4 SO4 H . 4.37 -20.74 -8.72
S SO4 I . -10.95 -18.57 22.83
O1 SO4 I . -10.32 -19.13 24.00
O2 SO4 I . -11.09 -17.12 23.00
O3 SO4 I . -10.19 -18.99 21.65
O4 SO4 I . -12.26 -19.13 22.70
S SO4 J . -9.27 11.15 5.96
O1 SO4 J . -10.60 11.73 5.68
O2 SO4 J . -8.28 12.21 5.73
O3 SO4 J . -9.19 10.56 7.29
O4 SO4 J . -9.09 10.02 5.05
S SO4 K . 9.40 -11.27 2.78
O1 SO4 K . 10.02 -11.35 4.14
O2 SO4 K . 8.02 -10.85 3.01
O3 SO4 K . 10.12 -10.26 1.98
O4 SO4 K . 9.33 -12.50 1.95
S SO4 L . -7.09 23.48 -4.73
O1 SO4 L . -6.35 22.74 -5.74
O2 SO4 L . -8.46 22.97 -4.67
O3 SO4 L . -6.45 23.32 -3.41
O4 SO4 L . -7.08 24.89 -5.13
S SO4 M . 2.33 7.27 -6.09
O1 SO4 M . 3.66 7.48 -6.67
O2 SO4 M . 1.73 6.04 -6.63
O3 SO4 M . 2.46 7.09 -4.66
O4 SO4 M . 1.49 8.44 -6.40
#